data_5K0A
#
_entry.id   5K0A
#
_cell.length_a   66.029
_cell.length_b   128.430
_cell.length_c   92.728
_cell.angle_alpha   90.00
_cell.angle_beta   91.61
_cell.angle_gamma   90.00
#
_symmetry.space_group_name_H-M   'P 1 21 1'
#
loop_
_entity.id
_entity.type
_entity.pdbx_description
1 polymer 'Slr0600 protein'
2 non-polymer 'FLAVIN-ADENINE DINUCLEOTIDE'
3 non-polymer 'NITRATE ION'
4 non-polymer 'TETRAETHYLENE GLYCOL'
5 non-polymer 'PENTAETHYLENE GLYCOL'
6 non-polymer 'PHOSPHATE ION'
7 non-polymer 'TRIETHYLENE GLYCOL'
8 water water
#
_entity_poly.entity_id   1
_entity_poly.type   'polypeptide(L)'
_entity_poly.pdbx_seq_one_letter_code
;GSHMVKLSSKNLDARLDTVYDAIVLGGGMGGLSAAIYLARYGLKCLVVEKGRGRSFWMQDLRNYVGLDPDTPGRDIITHS
TQQALHWGADLLRGYVEDVTDEGDTLAVKVKVGKKDSLYPIFRTKYVIAATGIIDNLPQLEDMQNVYDYAGYTLHV
(CSO)MICDGFDMWDQKAVLIAGTEGQINAAFVLNWFTPYITVLTHGLCTVGDEMKAKLADHGYPLHEAAITKFLGEDHK
MSGVELVDGTVMEATTGLINMGSVYHNHYLKGIEGLEWDGENLVTNDMAQTSHPRIFALGDLKKGLNQVSVAVADGTLAA
TQIWRNIRRASEPRKWIH
;
_entity_poly.pdbx_strand_id   A,B,C,D
#
# COMPACT_ATOMS: atom_id res chain seq x y z
N ASN A 11 10.37 -14.57 -1.40
CA ASN A 11 10.12 -15.78 -2.18
C ASN A 11 10.93 -15.76 -3.47
N LEU A 12 12.26 -15.90 -3.35
CA LEU A 12 13.13 -15.89 -4.51
C LEU A 12 12.84 -17.09 -5.42
N ASP A 13 12.70 -18.29 -4.82
CA ASP A 13 12.48 -19.49 -5.63
C ASP A 13 11.09 -19.48 -6.27
N ALA A 14 10.12 -18.80 -5.67
CA ALA A 14 8.80 -18.72 -6.27
C ALA A 14 8.84 -18.01 -7.62
N ARG A 15 9.62 -16.93 -7.71
CA ARG A 15 9.67 -16.15 -8.94
C ARG A 15 10.66 -16.69 -9.97
N LEU A 16 11.43 -17.72 -9.62
CA LEU A 16 12.49 -18.19 -10.53
C LEU A 16 11.94 -19.04 -11.66
N ASP A 17 10.96 -19.90 -11.39
CA ASP A 17 10.48 -20.87 -12.36
C ASP A 17 9.32 -20.35 -13.20
N THR A 18 8.91 -19.11 -13.00
CA THR A 18 7.80 -18.50 -13.74
C THR A 18 8.35 -17.69 -14.91
N VAL A 19 7.70 -17.82 -16.06
CA VAL A 19 8.05 -16.98 -17.20
C VAL A 19 7.18 -15.73 -17.12
N TYR A 20 7.84 -14.60 -16.86
CA TYR A 20 7.16 -13.33 -16.76
C TYR A 20 6.70 -12.85 -18.13
N ASP A 21 5.61 -12.08 -18.12
CA ASP A 21 5.21 -11.37 -19.34
C ASP A 21 6.20 -10.25 -19.64
N ALA A 22 6.67 -9.53 -18.63
CA ALA A 22 7.64 -8.47 -18.82
C ALA A 22 8.50 -8.27 -17.58
N ILE A 23 9.78 -8.01 -17.78
CA ILE A 23 10.64 -7.57 -16.69
C ILE A 23 11.07 -6.14 -16.97
N VAL A 24 10.83 -5.27 -16.00
CA VAL A 24 11.16 -3.85 -16.07
C VAL A 24 12.49 -3.65 -15.38
N LEU A 25 13.49 -3.21 -16.12
CA LEU A 25 14.84 -2.99 -15.58
C LEU A 25 14.96 -1.52 -15.21
N GLY A 26 14.98 -1.24 -13.91
CA GLY A 26 14.97 0.12 -13.43
C GLY A 26 13.60 0.50 -12.92
N GLY A 27 13.53 0.86 -11.65
CA GLY A 27 12.28 1.26 -11.02
C GLY A 27 12.23 2.74 -10.73
N GLY A 28 12.56 3.54 -11.73
CA GLY A 28 12.42 4.97 -11.68
C GLY A 28 11.16 5.45 -12.34
N MET A 29 11.22 6.62 -12.96
CA MET A 29 10.01 7.25 -13.47
C MET A 29 9.39 6.43 -14.59
N GLY A 30 10.19 6.09 -15.59
CA GLY A 30 9.65 5.34 -16.72
C GLY A 30 9.30 3.92 -16.33
N GLY A 31 10.17 3.27 -15.55
CA GLY A 31 9.94 1.88 -15.19
C GLY A 31 8.71 1.71 -14.32
N LEU A 32 8.48 2.62 -13.38
CA LEU A 32 7.29 2.44 -12.55
C LEU A 32 6.02 2.75 -13.34
N SER A 33 6.10 3.67 -14.30
CA SER A 33 4.95 3.88 -15.19
C SER A 33 4.63 2.61 -15.95
N ALA A 34 5.65 1.98 -16.54
CA ALA A 34 5.45 0.73 -17.25
C ALA A 34 4.87 -0.36 -16.34
N ALA A 35 5.36 -0.45 -15.10
CA ALA A 35 4.91 -1.49 -14.19
C ALA A 35 3.45 -1.29 -13.81
N ILE A 36 3.06 -0.04 -13.56
CA ILE A 36 1.67 0.26 -13.26
C ILE A 36 0.77 -0.18 -14.40
N TYR A 37 1.14 0.16 -15.63
CA TYR A 37 0.32 -0.24 -16.79
C TYR A 37 0.33 -1.74 -16.99
N LEU A 38 1.50 -2.38 -16.90
CA LEU A 38 1.58 -3.83 -17.09
C LEU A 38 0.70 -4.58 -16.10
N ALA A 39 0.76 -4.20 -14.83
CA ALA A 39 -0.06 -4.86 -13.83
C ALA A 39 -1.54 -4.61 -14.10
N ARG A 40 -1.89 -3.39 -14.49
CA ARG A 40 -3.28 -3.07 -14.80
C ARG A 40 -3.74 -3.63 -16.14
N TYR A 41 -2.83 -4.17 -16.94
CA TYR A 41 -3.22 -5.00 -18.07
C TYR A 41 -3.37 -6.46 -17.69
N GLY A 42 -3.27 -6.78 -16.40
CA GLY A 42 -3.36 -8.15 -15.96
C GLY A 42 -2.17 -9.00 -16.37
N LEU A 43 -1.00 -8.39 -16.53
CA LEU A 43 0.21 -9.09 -16.92
C LEU A 43 1.10 -9.27 -15.69
N LYS A 44 1.91 -10.33 -15.71
CA LYS A 44 2.82 -10.64 -14.62
C LYS A 44 4.16 -9.97 -14.91
N CYS A 45 4.55 -9.02 -14.07
CA CYS A 45 5.77 -8.29 -14.37
C CYS A 45 6.61 -8.14 -13.11
N LEU A 46 7.92 -8.03 -13.34
CA LEU A 46 8.89 -7.86 -12.28
C LEU A 46 9.64 -6.56 -12.52
N VAL A 47 9.79 -5.76 -11.47
CA VAL A 47 10.58 -4.53 -11.51
C VAL A 47 11.87 -4.82 -10.75
N VAL A 48 13.01 -4.59 -11.39
CA VAL A 48 14.31 -4.74 -10.76
C VAL A 48 14.89 -3.34 -10.57
N GLU A 49 15.20 -2.97 -9.31
CA GLU A 49 15.66 -1.63 -8.98
C GLU A 49 16.82 -1.70 -7.99
N LYS A 50 17.92 -1.03 -8.32
CA LYS A 50 19.12 -1.04 -7.49
C LYS A 50 19.07 -0.03 -6.36
N GLY A 51 18.28 1.03 -6.50
CA GLY A 51 18.21 2.12 -5.54
C GLY A 51 19.14 3.27 -5.92
N ARG A 52 18.80 4.47 -5.44
CA ARG A 52 19.68 5.64 -5.53
C ARG A 52 20.01 6.01 -6.98
N GLY A 53 19.00 6.04 -7.83
CA GLY A 53 19.16 6.44 -9.21
C GLY A 53 19.06 7.96 -9.39
N ARG A 54 19.08 8.36 -10.66
CA ARG A 54 19.08 9.77 -11.00
C ARG A 54 17.90 10.51 -10.37
N SER A 55 16.68 10.01 -10.59
CA SER A 55 15.52 10.72 -10.06
C SER A 55 15.51 10.75 -8.54
N PHE A 56 16.26 9.87 -7.89
CA PHE A 56 16.36 9.88 -6.44
C PHE A 56 17.08 11.12 -5.94
N TRP A 57 17.93 11.71 -6.76
CA TRP A 57 18.67 12.91 -6.39
C TRP A 57 17.97 14.20 -6.80
N MET A 58 16.82 14.09 -7.48
CA MET A 58 15.99 15.24 -7.80
C MET A 58 15.26 15.70 -6.55
N GLN A 59 15.58 16.91 -6.09
CA GLN A 59 14.96 17.46 -4.89
C GLN A 59 13.62 18.15 -5.16
N ASP A 60 13.40 18.63 -6.39
CA ASP A 60 12.19 19.39 -6.72
C ASP A 60 11.79 19.10 -8.16
N LEU A 61 10.73 18.32 -8.36
CA LEU A 61 10.20 18.11 -9.70
C LEU A 61 9.38 19.33 -10.10
N ARG A 62 9.93 20.16 -10.99
CA ARG A 62 9.43 21.51 -11.16
C ARG A 62 8.25 21.64 -12.11
N ASN A 63 8.04 20.69 -13.01
CA ASN A 63 7.29 21.00 -14.21
C ASN A 63 6.41 19.85 -14.70
N TYR A 64 5.88 19.04 -13.78
CA TYR A 64 5.15 17.81 -14.11
C TYR A 64 3.69 17.96 -13.72
N VAL A 65 2.79 17.87 -14.70
CA VAL A 65 1.36 18.10 -14.48
C VAL A 65 0.90 17.29 -13.28
N GLY A 66 0.22 17.96 -12.35
CA GLY A 66 -0.40 17.30 -11.21
C GLY A 66 0.38 17.35 -9.91
N LEU A 67 1.69 17.62 -9.94
CA LEU A 67 2.52 17.54 -8.75
C LEU A 67 3.05 18.91 -8.34
N ASP A 68 3.03 19.16 -7.04
CA ASP A 68 3.61 20.38 -6.50
C ASP A 68 5.07 20.49 -6.95
N PRO A 69 5.55 21.68 -7.31
CA PRO A 69 6.89 21.83 -7.88
C PRO A 69 8.02 21.67 -6.88
N ASP A 70 7.73 21.42 -5.60
CA ASP A 70 8.76 21.08 -4.63
C ASP A 70 8.73 19.60 -4.26
N THR A 71 8.11 18.74 -5.09
CA THR A 71 8.04 17.30 -4.80
C THR A 71 9.38 16.65 -5.11
N PRO A 72 9.99 15.94 -4.15
CA PRO A 72 11.24 15.24 -4.46
C PRO A 72 11.00 13.92 -5.18
N GLY A 73 11.98 13.55 -6.01
CA GLY A 73 11.89 12.31 -6.75
C GLY A 73 11.74 11.10 -5.85
N ARG A 74 12.38 11.12 -4.68
CA ARG A 74 12.29 9.97 -3.81
C ARG A 74 10.86 9.73 -3.35
N ASP A 75 10.08 10.81 -3.20
CA ASP A 75 8.68 10.66 -2.80
C ASP A 75 7.83 10.10 -3.93
N ILE A 76 8.11 10.48 -5.17
CA ILE A 76 7.39 9.92 -6.32
C ILE A 76 7.70 8.44 -6.44
N ILE A 77 8.97 8.07 -6.28
CA ILE A 77 9.37 6.67 -6.36
C ILE A 77 8.64 5.85 -5.32
N THR A 78 8.61 6.32 -4.07
CA THR A 78 7.91 5.59 -3.02
C THR A 78 6.44 5.43 -3.36
N HIS A 79 5.82 6.51 -3.81
CA HIS A 79 4.40 6.50 -4.14
C HIS A 79 4.10 5.52 -5.27
N SER A 80 4.87 5.61 -6.36
CA SER A 80 4.58 4.79 -7.53
C SER A 80 5.01 3.34 -7.35
N THR A 81 6.04 3.08 -6.55
CA THR A 81 6.36 1.70 -6.22
C THR A 81 5.20 1.07 -5.47
N GLN A 82 4.62 1.81 -4.53
CA GLN A 82 3.46 1.31 -3.80
C GLN A 82 2.28 1.05 -4.73
N GLN A 83 2.05 1.94 -5.69
CA GLN A 83 0.95 1.72 -6.64
C GLN A 83 1.21 0.50 -7.51
N ALA A 84 2.42 0.38 -8.07
CA ALA A 84 2.73 -0.78 -8.90
C ALA A 84 2.47 -2.08 -8.12
N LEU A 85 2.93 -2.14 -6.87
CA LEU A 85 2.72 -3.33 -6.06
C LEU A 85 1.24 -3.57 -5.78
N HIS A 86 0.49 -2.48 -5.56
CA HIS A 86 -0.96 -2.61 -5.34
C HIS A 86 -1.66 -3.26 -6.52
N TRP A 87 -1.27 -2.91 -7.76
CA TRP A 87 -1.93 -3.50 -8.92
C TRP A 87 -1.44 -4.92 -9.23
N GLY A 88 -0.30 -5.33 -8.70
CA GLY A 88 0.14 -6.71 -8.84
C GLY A 88 1.54 -6.90 -9.37
N ALA A 89 2.30 -5.82 -9.54
CA ALA A 89 3.70 -5.98 -9.94
C ALA A 89 4.52 -6.53 -8.79
N ASP A 90 5.59 -7.22 -9.13
CA ASP A 90 6.58 -7.72 -8.18
C ASP A 90 7.80 -6.81 -8.24
N LEU A 91 8.46 -6.59 -7.10
CA LEU A 91 9.64 -5.75 -7.01
C LEU A 91 10.80 -6.56 -6.46
N LEU A 92 11.94 -6.47 -7.13
CA LEU A 92 13.17 -7.07 -6.64
C LEU A 92 14.22 -5.97 -6.52
N ARG A 93 14.78 -5.80 -5.33
CA ARG A 93 15.88 -4.87 -5.15
C ARG A 93 17.16 -5.61 -5.52
N GLY A 94 17.78 -5.17 -6.62
CA GLY A 94 18.94 -5.83 -7.16
C GLY A 94 19.47 -5.05 -8.33
N TYR A 95 20.58 -5.54 -8.88
CA TYR A 95 21.32 -4.85 -9.92
C TYR A 95 21.34 -5.72 -11.17
N VAL A 96 20.73 -5.24 -12.26
CA VAL A 96 20.70 -6.03 -13.48
C VAL A 96 22.12 -6.11 -14.03
N GLU A 97 22.59 -7.34 -14.27
CA GLU A 97 23.91 -7.59 -14.79
C GLU A 97 23.93 -7.94 -16.26
N ASP A 98 22.90 -8.63 -16.76
CA ASP A 98 22.96 -9.12 -18.12
C ASP A 98 21.57 -9.52 -18.59
N VAL A 99 21.35 -9.32 -19.88
CA VAL A 99 20.15 -9.75 -20.58
C VAL A 99 20.61 -10.56 -21.78
N THR A 100 20.07 -11.76 -21.93
CA THR A 100 20.45 -12.65 -23.02
C THR A 100 19.22 -13.01 -23.83
N ASP A 101 19.37 -12.96 -25.16
CA ASP A 101 18.30 -13.30 -26.09
C ASP A 101 18.27 -14.82 -26.28
N GLU A 102 17.15 -15.46 -25.90
CA GLU A 102 16.98 -16.90 -26.05
C GLU A 102 15.84 -17.25 -27.01
N GLY A 103 15.55 -16.37 -27.97
CA GLY A 103 14.53 -16.67 -28.96
C GLY A 103 13.18 -16.12 -28.58
N ASP A 104 12.29 -17.01 -28.10
CA ASP A 104 10.96 -16.60 -27.70
C ASP A 104 10.93 -15.96 -26.32
N THR A 105 12.04 -15.98 -25.59
CA THR A 105 12.14 -15.34 -24.30
C THR A 105 13.52 -14.72 -24.15
N LEU A 106 13.65 -13.90 -23.13
CA LEU A 106 14.93 -13.33 -22.74
C LEU A 106 15.23 -13.78 -21.32
N ALA A 107 16.52 -13.88 -21.02
CA ALA A 107 16.99 -14.26 -19.70
C ALA A 107 17.67 -13.05 -19.06
N VAL A 108 17.27 -12.73 -17.83
CA VAL A 108 17.75 -11.56 -17.13
C VAL A 108 18.45 -12.01 -15.84
N LYS A 109 19.75 -11.74 -15.75
CA LYS A 109 20.55 -12.07 -14.57
C LYS A 109 20.63 -10.85 -13.65
N VAL A 110 20.33 -11.05 -12.37
CA VAL A 110 20.26 -9.97 -11.39
C VAL A 110 21.19 -10.29 -10.23
N LYS A 111 22.03 -9.30 -9.87
CA LYS A 111 22.85 -9.39 -8.67
C LYS A 111 22.02 -8.95 -7.47
N VAL A 112 21.81 -9.86 -6.52
CA VAL A 112 20.97 -9.64 -5.35
C VAL A 112 21.88 -9.66 -4.12
N GLY A 113 21.93 -8.54 -3.40
CA GLY A 113 22.84 -8.39 -2.28
C GLY A 113 24.11 -7.71 -2.74
N LYS A 114 24.51 -6.61 -2.11
CA LYS A 114 25.76 -5.96 -2.50
C LYS A 114 26.99 -6.78 -2.10
N LYS A 115 26.89 -7.54 -1.02
CA LYS A 115 27.91 -8.50 -0.65
C LYS A 115 27.29 -9.88 -0.55
N ASP A 116 28.14 -10.90 -0.61
CA ASP A 116 27.67 -12.29 -0.60
C ASP A 116 26.51 -12.47 -1.57
N SER A 117 26.71 -12.02 -2.80
CA SER A 117 25.61 -11.84 -3.74
C SER A 117 25.12 -13.17 -4.31
N LEU A 118 23.82 -13.23 -4.57
CA LEU A 118 23.21 -14.27 -5.39
C LEU A 118 22.95 -13.71 -6.79
N TYR A 119 22.86 -14.60 -7.77
CA TYR A 119 22.67 -14.20 -9.18
C TYR A 119 21.51 -14.96 -9.81
N PRO A 120 20.29 -14.73 -9.34
CA PRO A 120 19.14 -15.37 -10.00
C PRO A 120 19.01 -14.92 -11.45
N ILE A 121 18.53 -15.85 -12.28
CA ILE A 121 18.28 -15.60 -13.69
C ILE A 121 16.79 -15.83 -13.93
N PHE A 122 16.13 -14.79 -14.42
CA PHE A 122 14.69 -14.83 -14.70
C PHE A 122 14.45 -14.90 -16.20
N ARG A 123 13.36 -15.55 -16.59
CA ARG A 123 12.95 -15.66 -17.97
C ARG A 123 11.70 -14.82 -18.21
N THR A 124 11.62 -14.17 -19.37
CA THR A 124 10.53 -13.27 -19.65
C THR A 124 10.29 -13.18 -21.15
N LYS A 125 9.06 -12.85 -21.52
CA LYS A 125 8.74 -12.64 -22.93
C LYS A 125 9.28 -11.30 -23.43
N TYR A 126 9.33 -10.28 -22.56
CA TYR A 126 9.70 -8.93 -22.94
C TYR A 126 10.54 -8.29 -21.84
N VAL A 127 11.45 -7.41 -22.27
CA VAL A 127 12.28 -6.63 -21.37
C VAL A 127 12.02 -5.15 -21.66
N ILE A 128 11.85 -4.36 -20.61
CA ILE A 128 11.74 -2.90 -20.70
C ILE A 128 13.00 -2.32 -20.05
N ALA A 129 13.88 -1.76 -20.87
CA ALA A 129 15.12 -1.15 -20.40
C ALA A 129 14.82 0.28 -19.95
N ALA A 130 14.87 0.50 -18.64
CA ALA A 130 14.47 1.76 -18.02
C ALA A 130 15.45 2.16 -16.94
N THR A 131 16.72 1.94 -17.18
CA THR A 131 17.74 2.13 -16.16
C THR A 131 18.40 3.51 -16.22
N GLY A 132 18.09 4.31 -17.23
CA GLY A 132 18.49 5.71 -17.28
C GLY A 132 19.99 5.93 -17.28
N ILE A 133 20.38 7.04 -16.68
CA ILE A 133 21.73 7.56 -16.72
C ILE A 133 22.05 8.15 -15.35
N ILE A 134 23.29 8.60 -15.17
CA ILE A 134 23.63 9.42 -14.02
C ILE A 134 24.65 10.46 -14.44
N ASP A 135 24.41 11.71 -14.04
CA ASP A 135 25.25 12.84 -14.42
C ASP A 135 26.60 12.76 -13.71
N ASN A 136 27.65 13.07 -14.46
CA ASN A 136 28.97 13.24 -13.85
C ASN A 136 28.96 14.49 -13.00
N LEU A 137 29.61 14.41 -11.83
CA LEU A 137 29.75 15.54 -10.95
C LEU A 137 31.21 15.95 -10.86
N PRO A 138 31.48 17.23 -10.58
CA PRO A 138 32.87 17.66 -10.36
C PRO A 138 33.44 16.93 -9.16
N GLN A 139 34.62 16.37 -9.33
CA GLN A 139 35.21 15.52 -8.30
C GLN A 139 36.05 16.37 -7.36
N LEU A 140 35.65 16.39 -6.09
CA LEU A 140 36.39 17.04 -5.02
C LEU A 140 36.83 15.98 -4.00
N GLU A 141 37.85 16.32 -3.20
CA GLU A 141 38.28 15.41 -2.15
C GLU A 141 37.13 15.06 -1.22
N ASP A 142 36.31 16.04 -0.85
CA ASP A 142 35.12 15.84 0.00
C ASP A 142 33.87 15.93 -0.87
N MET A 143 33.38 14.78 -1.35
CA MET A 143 32.24 14.83 -2.25
C MET A 143 30.96 15.31 -1.57
N GLN A 144 30.89 15.28 -0.23
CA GLN A 144 29.70 15.77 0.45
C GLN A 144 29.50 17.26 0.22
N ASN A 145 30.59 18.02 0.02
CA ASN A 145 30.49 19.44 -0.27
C ASN A 145 29.75 19.67 -1.58
N VAL A 146 29.91 18.76 -2.55
CA VAL A 146 29.16 18.84 -3.80
C VAL A 146 27.72 18.38 -3.59
N TYR A 147 27.54 17.26 -2.88
CA TYR A 147 26.21 16.71 -2.67
C TYR A 147 25.31 17.66 -1.91
N ASP A 148 25.89 18.53 -1.07
CA ASP A 148 25.09 19.50 -0.34
C ASP A 148 24.41 20.50 -1.26
N TYR A 149 24.92 20.71 -2.47
CA TYR A 149 24.33 21.67 -3.39
C TYR A 149 23.80 21.04 -4.67
N ALA A 150 24.32 19.89 -5.09
CA ALA A 150 23.88 19.25 -6.32
C ALA A 150 22.43 18.79 -6.22
N GLY A 151 21.60 19.26 -7.14
CA GLY A 151 20.19 18.98 -7.13
C GLY A 151 19.36 19.95 -6.30
N TYR A 152 20.01 20.84 -5.55
CA TYR A 152 19.31 21.86 -4.81
C TYR A 152 19.42 23.19 -5.56
N THR A 153 20.57 23.88 -5.45
CA THR A 153 20.82 25.10 -6.22
C THR A 153 21.91 24.92 -7.26
N LEU A 154 22.62 23.79 -7.27
CA LEU A 154 23.58 23.45 -8.31
C LEU A 154 22.93 22.39 -9.19
N HIS A 155 22.51 22.78 -10.37
CA HIS A 155 21.64 21.96 -11.19
C HIS A 155 22.42 21.15 -12.20
N VAL A 156 21.77 20.10 -12.71
CA VAL A 156 22.37 19.27 -13.75
C VAL A 156 21.59 19.32 -15.06
N CYS A 157 20.44 20.00 -15.07
CA CYS A 157 19.47 19.92 -16.17
C CYS A 157 18.97 21.31 -16.47
N MET A 158 19.33 21.86 -17.63
CA MET A 158 18.96 23.25 -17.91
C MET A 158 17.46 23.39 -18.13
N ILE A 159 16.82 22.46 -18.82
CA ILE A 159 15.39 22.65 -19.08
C ILE A 159 14.59 22.48 -17.79
N CYS A 160 15.08 21.62 -16.88
CA CYS A 160 14.40 21.44 -15.60
C CYS A 160 14.41 22.72 -14.76
N ASP A 161 15.58 23.34 -14.63
CA ASP A 161 15.82 24.34 -13.59
C ASP A 161 16.17 25.72 -14.15
N GLY A 162 16.28 25.88 -15.46
CA GLY A 162 16.68 27.17 -16.00
C GLY A 162 15.86 28.32 -15.46
N PHE A 163 14.54 28.14 -15.42
CA PHE A 163 13.65 29.21 -14.93
C PHE A 163 14.07 29.67 -13.55
N ASP A 164 14.46 28.73 -12.70
CA ASP A 164 14.83 29.00 -11.33
C ASP A 164 16.23 29.61 -11.21
N MET A 165 16.94 29.76 -12.34
CA MET A 165 18.22 30.45 -12.40
C MET A 165 18.10 31.87 -12.93
N TRP A 166 16.89 32.33 -13.26
CA TRP A 166 16.71 33.52 -14.07
C TRP A 166 17.45 34.71 -13.46
N ASP A 167 18.37 35.25 -14.25
CA ASP A 167 19.10 36.47 -13.91
C ASP A 167 19.86 36.37 -12.59
N GLN A 168 20.26 35.16 -12.22
CA GLN A 168 21.12 34.98 -11.05
C GLN A 168 22.57 34.85 -11.50
N LYS A 169 23.48 35.21 -10.60
CA LYS A 169 24.89 34.90 -10.80
C LYS A 169 25.10 33.39 -10.76
N ALA A 170 25.65 32.84 -11.84
CA ALA A 170 25.68 31.41 -12.08
C ALA A 170 27.09 30.98 -12.46
N VAL A 171 27.40 29.73 -12.16
CA VAL A 171 28.60 29.08 -12.66
C VAL A 171 28.17 27.97 -13.61
N LEU A 172 28.88 27.85 -14.72
CA LEU A 172 28.75 26.71 -15.63
C LEU A 172 30.00 25.87 -15.44
N ILE A 173 29.83 24.64 -14.98
CA ILE A 173 30.95 23.74 -14.78
C ILE A 173 30.99 22.78 -15.97
N ALA A 174 32.01 22.92 -16.79
CA ALA A 174 32.08 22.21 -18.06
C ALA A 174 33.52 21.79 -18.32
N GLY A 175 33.72 20.55 -18.75
CA GLY A 175 35.07 20.00 -18.87
C GLY A 175 35.66 19.97 -20.27
N THR A 176 34.86 20.27 -21.29
CA THR A 176 35.31 20.29 -22.68
C THR A 176 34.76 21.54 -23.35
N GLU A 177 35.33 21.88 -24.51
CA GLU A 177 34.81 23.05 -25.23
C GLU A 177 33.39 22.80 -25.71
N GLY A 178 33.09 21.56 -26.11
CA GLY A 178 31.71 21.20 -26.42
C GLY A 178 30.78 21.43 -25.25
N GLN A 179 31.26 21.20 -24.02
CA GLN A 179 30.41 21.43 -22.85
C GLN A 179 30.34 22.91 -22.49
N ILE A 180 31.40 23.68 -22.79
CA ILE A 180 31.35 25.12 -22.57
C ILE A 180 30.33 25.77 -23.49
N ASN A 181 30.04 25.14 -24.64
CA ASN A 181 29.03 25.66 -25.57
C ASN A 181 27.71 25.92 -24.88
N ALA A 182 27.43 25.21 -23.78
CA ALA A 182 26.18 25.40 -23.06
C ALA A 182 26.02 26.81 -22.50
N ALA A 183 27.13 27.53 -22.31
CA ALA A 183 27.03 28.92 -21.86
C ALA A 183 26.18 29.75 -22.81
N PHE A 184 26.20 29.42 -24.10
CA PHE A 184 25.51 30.15 -25.14
C PHE A 184 24.10 29.65 -25.34
N VAL A 185 23.66 28.76 -24.47
CA VAL A 185 22.26 28.39 -24.32
C VAL A 185 21.73 28.85 -22.97
N LEU A 186 22.50 28.61 -21.91
CA LEU A 186 22.14 29.04 -20.57
C LEU A 186 21.92 30.55 -20.50
N ASN A 187 22.61 31.33 -21.34
CA ASN A 187 22.49 32.79 -21.26
C ASN A 187 21.07 33.26 -21.57
N TRP A 188 20.26 32.43 -22.21
CA TRP A 188 18.83 32.71 -22.34
C TRP A 188 18.20 32.98 -20.98
N PHE A 189 18.57 32.19 -19.98
CA PHE A 189 18.00 32.33 -18.64
C PHE A 189 18.74 33.36 -17.80
N THR A 190 20.07 33.41 -17.90
CA THR A 190 20.81 34.39 -17.16
C THR A 190 22.07 34.79 -17.91
N PRO A 191 22.35 36.09 -18.08
CA PRO A 191 23.61 36.50 -18.70
C PRO A 191 24.80 36.44 -17.77
N TYR A 192 24.59 36.20 -16.48
CA TYR A 192 25.63 36.37 -15.47
C TYR A 192 26.39 35.08 -15.24
N ILE A 193 27.02 34.58 -16.30
CA ILE A 193 27.64 33.26 -16.32
C ILE A 193 29.14 33.38 -16.12
N THR A 194 29.67 32.60 -15.18
CA THR A 194 31.10 32.35 -15.06
C THR A 194 31.37 30.90 -15.43
N VAL A 195 32.33 30.67 -16.34
CA VAL A 195 32.66 29.31 -16.79
C VAL A 195 33.81 28.77 -15.95
N LEU A 196 33.62 27.58 -15.39
CA LEU A 196 34.65 26.90 -14.59
C LEU A 196 34.96 25.56 -15.25
N THR A 197 36.22 25.36 -15.63
CA THR A 197 36.55 24.08 -16.25
C THR A 197 37.08 23.05 -15.25
N HIS A 198 37.27 23.44 -13.99
CA HIS A 198 37.62 22.50 -12.93
C HIS A 198 38.95 21.82 -13.21
N GLY A 199 39.85 22.54 -13.88
CA GLY A 199 41.17 22.02 -14.20
C GLY A 199 41.17 20.93 -15.24
N LEU A 200 40.01 20.70 -15.86
CA LEU A 200 39.87 19.58 -16.82
C LEU A 200 40.35 19.82 -18.29
N CYS A 201 40.23 21.05 -18.73
CA CYS A 201 40.70 21.37 -20.09
C CYS A 201 41.25 22.77 -20.24
N THR A 202 42.13 22.93 -21.20
CA THR A 202 42.67 24.26 -21.49
C THR A 202 41.79 24.75 -22.63
N VAL A 203 41.22 25.93 -22.46
CA VAL A 203 40.29 26.46 -23.44
C VAL A 203 41.08 27.11 -24.57
N GLY A 204 40.66 26.84 -25.81
CA GLY A 204 41.33 27.43 -26.96
C GLY A 204 41.05 28.92 -27.10
N ASP A 205 41.83 29.56 -27.97
CA ASP A 205 41.79 31.01 -28.09
C ASP A 205 40.46 31.51 -28.65
N GLU A 206 39.90 30.82 -29.65
CA GLU A 206 38.67 31.29 -30.25
C GLU A 206 37.53 31.29 -29.23
N MET A 207 37.42 30.22 -28.43
CA MET A 207 36.41 30.17 -27.39
C MET A 207 36.67 31.20 -26.30
N LYS A 208 37.92 31.37 -25.88
CA LYS A 208 38.21 32.38 -24.87
C LYS A 208 37.79 33.76 -25.35
N ALA A 209 38.03 34.06 -26.62
CA ALA A 209 37.65 35.36 -27.16
C ALA A 209 36.14 35.53 -27.19
N LYS A 210 35.41 34.45 -27.50
CA LYS A 210 33.94 34.56 -27.54
C LYS A 210 33.36 34.77 -26.15
N LEU A 211 33.88 34.03 -25.16
CA LEU A 211 33.44 34.22 -23.77
C LEU A 211 33.74 35.64 -23.30
N ALA A 212 34.94 36.16 -23.60
CA ALA A 212 35.29 37.51 -23.19
C ALA A 212 34.38 38.54 -23.86
N ASP A 213 34.09 38.34 -25.16
CA ASP A 213 33.21 39.25 -25.88
C ASP A 213 31.78 39.26 -25.31
N HIS A 214 31.34 38.14 -24.74
CA HIS A 214 30.03 38.05 -24.09
C HIS A 214 30.07 38.50 -22.64
N GLY A 215 31.25 38.75 -22.09
CA GLY A 215 31.36 39.14 -20.71
C GLY A 215 31.27 37.99 -19.71
N TYR A 216 31.48 36.74 -20.15
CA TYR A 216 31.41 35.60 -19.23
C TYR A 216 32.82 35.28 -18.75
N PRO A 217 33.13 35.52 -17.48
CA PRO A 217 34.49 35.21 -17.00
C PRO A 217 34.77 33.72 -17.07
N LEU A 218 36.05 33.38 -17.26
CA LEU A 218 36.49 31.99 -17.36
C LEU A 218 37.58 31.72 -16.32
N HIS A 219 37.43 30.65 -15.56
CA HIS A 219 38.46 30.21 -14.62
C HIS A 219 38.75 28.73 -14.85
N GLU A 220 40.02 28.39 -15.07
CA GLU A 220 40.40 27.03 -15.41
C GLU A 220 40.98 26.26 -14.24
N ALA A 221 41.17 26.88 -13.08
CA ALA A 221 41.71 26.17 -11.94
C ALA A 221 40.67 25.24 -11.30
N ALA A 222 41.17 24.16 -10.71
CA ALA A 222 40.31 23.17 -10.07
C ALA A 222 39.48 23.79 -8.94
N ILE A 223 38.21 23.41 -8.86
CA ILE A 223 37.34 23.81 -7.76
C ILE A 223 37.73 23.07 -6.49
N THR A 224 37.85 23.80 -5.39
CA THR A 224 38.14 23.18 -4.11
C THR A 224 37.00 23.24 -3.10
N LYS A 225 36.06 24.17 -3.23
CA LYS A 225 34.99 24.23 -2.25
C LYS A 225 33.79 24.99 -2.80
N PHE A 226 32.60 24.46 -2.54
CA PHE A 226 31.37 25.19 -2.75
C PHE A 226 30.96 25.85 -1.43
N LEU A 227 30.66 27.15 -1.49
CA LEU A 227 30.26 27.91 -0.33
C LEU A 227 28.75 28.09 -0.31
N GLY A 228 28.19 28.16 0.88
CA GLY A 228 26.77 28.38 1.02
C GLY A 228 26.27 27.86 2.35
N GLU A 229 24.94 27.77 2.45
CA GLU A 229 24.29 27.28 3.65
C GLU A 229 22.89 26.78 3.30
N ASP A 230 22.45 25.76 4.03
CA ASP A 230 21.11 25.19 3.87
C ASP A 230 20.83 24.85 2.41
N HIS A 231 21.82 24.25 1.75
CA HIS A 231 21.73 23.79 0.36
C HIS A 231 21.62 24.94 -0.64
N LYS A 232 21.86 26.17 -0.20
CA LYS A 232 21.79 27.36 -1.06
C LYS A 232 23.21 27.85 -1.29
N MET A 233 23.69 27.71 -2.52
CA MET A 233 25.01 28.21 -2.88
C MET A 233 25.13 29.70 -2.64
N SER A 234 26.33 30.12 -2.23
CA SER A 234 26.70 31.52 -2.23
C SER A 234 27.97 31.80 -3.03
N GLY A 235 28.78 30.79 -3.33
CA GLY A 235 30.01 31.03 -4.07
C GLY A 235 30.81 29.77 -4.26
N VAL A 236 31.98 29.95 -4.88
CA VAL A 236 32.88 28.86 -5.22
C VAL A 236 34.31 29.30 -5.00
N GLU A 237 35.15 28.40 -4.49
CA GLU A 237 36.58 28.63 -4.32
C GLU A 237 37.37 27.69 -5.21
N LEU A 238 38.45 28.20 -5.78
CA LEU A 238 39.35 27.42 -6.61
C LEU A 238 40.71 27.27 -5.95
N VAL A 239 41.46 26.26 -6.39
CA VAL A 239 42.73 25.91 -5.78
C VAL A 239 43.76 27.01 -5.93
N ASP A 240 43.63 27.87 -6.94
CA ASP A 240 44.58 28.97 -7.11
C ASP A 240 44.21 30.20 -6.28
N GLY A 241 43.22 30.09 -5.39
CA GLY A 241 42.84 31.20 -4.53
C GLY A 241 41.69 32.04 -5.04
N THR A 242 41.27 31.85 -6.28
CA THR A 242 40.13 32.57 -6.82
C THR A 242 38.87 32.26 -6.00
N VAL A 243 38.14 33.31 -5.64
CA VAL A 243 36.84 33.17 -5.00
C VAL A 243 35.85 33.98 -5.82
N MET A 244 34.63 33.46 -5.96
CA MET A 244 33.61 34.14 -6.73
C MET A 244 32.26 33.95 -6.06
N GLU A 245 31.34 34.88 -6.34
CA GLU A 245 29.98 34.80 -5.85
C GLU A 245 29.08 34.15 -6.89
N ALA A 246 28.22 33.24 -6.45
CA ALA A 246 27.24 32.60 -7.31
C ALA A 246 26.17 31.99 -6.43
N THR A 247 24.91 32.18 -6.82
CA THR A 247 23.79 31.61 -6.09
C THR A 247 23.21 30.38 -6.78
N THR A 248 23.75 29.99 -7.93
CA THR A 248 23.27 28.83 -8.65
C THR A 248 24.33 28.42 -9.66
N GLY A 249 24.07 27.31 -10.33
CA GLY A 249 25.00 26.83 -11.33
C GLY A 249 24.39 25.69 -12.14
N LEU A 250 25.06 25.36 -13.23
CA LEU A 250 24.72 24.22 -14.06
C LEU A 250 25.96 23.36 -14.25
N ILE A 251 25.86 22.09 -13.93
CA ILE A 251 26.92 21.13 -14.21
C ILE A 251 26.68 20.55 -15.60
N ASN A 252 27.64 20.71 -16.50
CA ASN A 252 27.54 20.15 -17.84
C ASN A 252 28.82 19.33 -18.11
N MET A 253 28.90 18.17 -17.45
CA MET A 253 30.10 17.33 -17.52
C MET A 253 29.80 15.95 -18.10
N GLY A 254 28.66 15.78 -18.76
CA GLY A 254 28.34 14.50 -19.36
C GLY A 254 27.66 13.56 -18.38
N SER A 255 27.40 12.34 -18.85
CA SER A 255 26.68 11.34 -18.08
C SER A 255 27.28 9.97 -18.31
N VAL A 256 27.05 9.07 -17.36
CA VAL A 256 27.29 7.64 -17.52
C VAL A 256 25.96 6.97 -17.81
N TYR A 257 25.90 6.15 -18.86
CA TYR A 257 24.67 5.48 -19.27
C TYR A 257 24.59 4.07 -18.68
N HIS A 258 23.44 3.73 -18.09
CA HIS A 258 23.24 2.41 -17.49
C HIS A 258 22.73 1.45 -18.55
N ASN A 259 23.66 1.02 -19.41
CA ASN A 259 23.27 0.21 -20.56
C ASN A 259 24.18 -0.99 -20.79
N HIS A 260 25.10 -1.29 -19.87
CA HIS A 260 26.08 -2.34 -20.15
C HIS A 260 25.43 -3.69 -20.33
N TYR A 261 24.32 -3.96 -19.63
CA TYR A 261 23.70 -5.28 -19.65
C TYR A 261 23.05 -5.60 -20.99
N LEU A 262 23.00 -4.64 -21.92
CA LEU A 262 22.41 -4.83 -23.25
C LEU A 262 23.46 -4.95 -24.35
N LYS A 263 24.74 -4.73 -24.02
CA LYS A 263 25.79 -4.68 -25.02
C LYS A 263 26.08 -6.04 -25.67
N GLY A 264 25.58 -7.12 -25.11
CA GLY A 264 25.77 -8.43 -25.70
C GLY A 264 24.66 -8.86 -26.63
N ILE A 265 23.66 -8.01 -26.85
CA ILE A 265 22.48 -8.35 -27.64
C ILE A 265 22.72 -7.91 -29.08
N GLU A 266 22.72 -8.87 -30.00
CA GLU A 266 22.82 -8.53 -31.42
C GLU A 266 21.46 -8.03 -31.91
N GLY A 267 21.50 -7.07 -32.84
CA GLY A 267 20.30 -6.52 -33.45
C GLY A 267 19.72 -5.30 -32.79
N LEU A 268 20.45 -4.67 -31.87
CA LEU A 268 20.01 -3.44 -31.23
C LEU A 268 20.63 -2.24 -31.93
N GLU A 269 19.81 -1.29 -32.31
CA GLU A 269 20.30 -0.08 -32.94
C GLU A 269 20.64 0.96 -31.88
N TRP A 270 21.87 1.43 -31.89
CA TRP A 270 22.35 2.42 -30.95
C TRP A 270 22.57 3.75 -31.66
N ASP A 271 22.36 4.84 -30.93
CA ASP A 271 22.77 6.18 -31.34
C ASP A 271 23.70 6.67 -30.24
N GLY A 272 25.01 6.47 -30.42
CA GLY A 272 25.91 6.67 -29.31
C GLY A 272 25.58 5.67 -28.20
N GLU A 273 25.35 6.17 -27.00
CA GLU A 273 24.98 5.33 -25.87
C GLU A 273 23.47 5.18 -25.71
N ASN A 274 22.68 5.87 -26.52
CA ASN A 274 21.22 5.80 -26.45
C ASN A 274 20.71 4.71 -27.37
N LEU A 275 19.51 4.19 -27.05
CA LEU A 275 18.82 3.24 -27.90
C LEU A 275 17.82 3.96 -28.79
N VAL A 276 17.80 3.60 -30.06
CA VAL A 276 16.83 4.16 -31.00
C VAL A 276 15.54 3.36 -30.89
N THR A 277 14.42 4.08 -30.70
CA THR A 277 13.12 3.45 -30.54
C THR A 277 12.16 4.04 -31.56
N ASN A 278 11.06 3.32 -31.74
CA ASN A 278 9.97 3.79 -32.58
C ASN A 278 8.97 4.54 -31.70
N ASP A 279 7.75 4.75 -32.18
CA ASP A 279 6.79 5.59 -31.48
C ASP A 279 6.02 4.82 -30.40
N MET A 280 6.35 3.54 -30.18
CA MET A 280 5.86 2.81 -29.01
C MET A 280 6.99 2.44 -28.06
N ALA A 281 8.13 3.13 -28.17
CA ALA A 281 9.31 2.95 -27.32
C ALA A 281 9.97 1.59 -27.52
N GLN A 282 9.75 0.95 -28.66
CA GLN A 282 10.36 -0.33 -28.95
C GLN A 282 11.70 -0.11 -29.64
N THR A 283 12.73 -0.85 -29.21
CA THR A 283 13.99 -0.85 -29.92
C THR A 283 13.85 -1.62 -31.22
N SER A 284 14.95 -1.72 -31.96
CA SER A 284 14.98 -2.56 -33.14
C SER A 284 14.87 -4.06 -32.81
N HIS A 285 15.04 -4.45 -31.56
CA HIS A 285 14.78 -5.83 -31.15
C HIS A 285 13.31 -5.97 -30.75
N PRO A 286 12.56 -6.90 -31.33
CA PRO A 286 11.10 -6.94 -31.08
C PRO A 286 10.71 -7.27 -29.64
N ARG A 287 11.62 -7.73 -28.80
CA ARG A 287 11.29 -8.04 -27.41
C ARG A 287 11.87 -7.05 -26.42
N ILE A 288 12.48 -5.97 -26.89
CA ILE A 288 13.13 -5.01 -26.01
C ILE A 288 12.58 -3.62 -26.28
N PHE A 289 12.14 -2.96 -25.22
CA PHE A 289 11.72 -1.57 -25.22
C PHE A 289 12.71 -0.75 -24.40
N ALA A 290 12.78 0.55 -24.68
CA ALA A 290 13.69 1.44 -23.96
C ALA A 290 12.99 2.75 -23.64
N LEU A 291 13.13 3.20 -22.39
CA LEU A 291 12.38 4.34 -21.90
C LEU A 291 13.29 5.49 -21.48
N GLY A 292 12.71 6.68 -21.48
CA GLY A 292 13.26 7.78 -20.71
C GLY A 292 14.68 8.13 -21.11
N ASP A 293 15.53 8.31 -20.11
CA ASP A 293 16.88 8.82 -20.36
C ASP A 293 17.74 7.87 -21.17
N LEU A 294 17.39 6.60 -21.21
CA LEU A 294 18.17 5.63 -21.98
C LEU A 294 17.87 5.72 -23.48
N LYS A 295 16.65 6.10 -23.85
CA LYS A 295 16.31 6.12 -25.26
C LYS A 295 16.75 7.45 -25.88
N LYS A 296 16.87 7.46 -27.20
CA LYS A 296 17.18 8.70 -27.89
C LYS A 296 15.98 9.64 -27.80
N GLY A 297 16.20 10.83 -27.27
CA GLY A 297 15.12 11.79 -27.08
C GLY A 297 15.39 12.68 -25.87
N LEU A 298 14.33 13.37 -25.45
CA LEU A 298 14.42 14.36 -24.39
C LEU A 298 14.38 13.70 -23.03
N ASN A 299 15.17 14.22 -22.08
CA ASN A 299 15.29 13.62 -20.75
C ASN A 299 14.45 14.41 -19.74
N GLN A 300 13.20 13.98 -19.56
CA GLN A 300 12.29 14.56 -18.58
C GLN A 300 11.45 13.45 -17.97
N VAL A 301 10.89 13.72 -16.78
CA VAL A 301 9.98 12.78 -16.13
C VAL A 301 8.78 12.49 -17.03
N SER A 302 8.12 13.54 -17.54
CA SER A 302 6.91 13.32 -18.34
C SER A 302 7.18 12.40 -19.52
N VAL A 303 8.31 12.60 -20.19
CA VAL A 303 8.68 11.80 -21.34
C VAL A 303 8.91 10.34 -20.95
N ALA A 304 9.61 10.11 -19.84
CA ALA A 304 9.86 8.76 -19.38
C ALA A 304 8.57 8.05 -19.00
N VAL A 305 7.67 8.76 -18.31
CA VAL A 305 6.42 8.16 -17.88
C VAL A 305 5.58 7.75 -19.08
N ALA A 306 5.52 8.62 -20.09
CA ALA A 306 4.76 8.29 -21.29
C ALA A 306 5.40 7.13 -22.05
N ASP A 307 6.73 7.08 -22.11
CA ASP A 307 7.39 5.94 -22.73
C ASP A 307 6.94 4.64 -22.07
N GLY A 308 6.88 4.63 -20.73
CA GLY A 308 6.44 3.43 -20.03
C GLY A 308 5.02 3.04 -20.40
N THR A 309 4.14 4.03 -20.49
CA THR A 309 2.78 3.80 -20.96
C THR A 309 2.79 3.09 -22.31
N LEU A 310 3.57 3.64 -23.25
CA LEU A 310 3.57 3.12 -24.62
C LEU A 310 4.14 1.70 -24.66
N ALA A 311 5.28 1.46 -24.02
CA ALA A 311 5.89 0.14 -24.06
C ALA A 311 4.98 -0.92 -23.44
N ALA A 312 4.39 -0.61 -22.29
CA ALA A 312 3.49 -1.54 -21.64
C ALA A 312 2.29 -1.83 -22.53
N THR A 313 1.77 -0.80 -23.21
CA THR A 313 0.61 -1.01 -24.08
C THR A 313 0.96 -1.89 -25.27
N GLN A 314 2.13 -1.69 -25.88
CA GLN A 314 2.54 -2.56 -26.97
C GLN A 314 2.73 -4.01 -26.51
N ILE A 315 3.29 -4.21 -25.31
CA ILE A 315 3.49 -5.57 -24.83
C ILE A 315 2.16 -6.26 -24.60
N TRP A 316 1.21 -5.55 -23.98
CA TRP A 316 -0.12 -6.10 -23.78
C TRP A 316 -0.77 -6.44 -25.12
N ARG A 317 -0.66 -5.54 -26.11
CA ARG A 317 -1.20 -5.82 -27.44
C ARG A 317 -0.61 -7.11 -28.01
N ASN A 318 0.71 -7.28 -27.92
CA ASN A 318 1.35 -8.49 -28.44
C ASN A 318 0.81 -9.74 -27.74
N ILE A 319 0.75 -9.72 -26.42
CA ILE A 319 0.38 -10.92 -25.67
C ILE A 319 -1.11 -11.23 -25.88
N ARG A 320 -1.95 -10.23 -25.73
CA ARG A 320 -3.39 -10.41 -25.94
C ARG A 320 -3.69 -10.92 -27.34
N ARG A 321 -3.09 -10.32 -28.37
CA ARG A 321 -3.38 -10.74 -29.73
C ARG A 321 -2.94 -12.17 -29.99
N ALA A 322 -2.01 -12.68 -29.19
CA ALA A 322 -1.54 -14.04 -29.35
C ALA A 322 -2.36 -15.04 -28.56
N SER A 323 -3.31 -14.57 -27.76
CA SER A 323 -4.03 -15.41 -26.82
C SER A 323 -5.40 -15.81 -27.36
N GLU A 324 -5.95 -16.85 -26.78
CA GLU A 324 -7.27 -17.35 -27.14
C GLU A 324 -8.37 -16.51 -26.50
N PRO A 325 -9.50 -16.33 -27.19
CA PRO A 325 -10.60 -15.56 -26.61
C PRO A 325 -11.09 -16.14 -25.29
N ARG A 326 -11.49 -15.26 -24.39
CA ARG A 326 -12.16 -15.69 -23.17
C ARG A 326 -13.66 -15.68 -23.46
N LYS A 327 -14.24 -16.86 -23.57
CA LYS A 327 -15.65 -17.00 -23.91
C LYS A 327 -16.45 -17.16 -22.64
N TRP A 328 -17.75 -16.84 -22.76
CA TRP A 328 -18.67 -16.93 -21.65
C TRP A 328 -19.47 -18.22 -21.82
N ILE A 329 -19.20 -19.20 -20.96
CA ILE A 329 -19.98 -20.43 -20.92
C ILE A 329 -21.09 -20.22 -19.90
N HIS A 330 -22.33 -20.36 -20.34
CA HIS A 330 -23.47 -20.16 -19.45
C HIS A 330 -23.91 -21.49 -18.84
N LYS B 10 11.83 49.65 -44.66
CA LYS B 10 11.68 49.81 -43.21
C LYS B 10 10.75 48.75 -42.62
N ASN B 11 10.91 47.50 -43.07
CA ASN B 11 10.10 46.41 -42.54
C ASN B 11 10.36 46.22 -41.05
N LEU B 12 11.64 46.17 -40.64
CA LEU B 12 11.99 45.94 -39.24
C LEU B 12 11.73 47.16 -38.36
N ASP B 13 11.43 48.31 -38.95
CA ASP B 13 11.01 49.51 -38.22
C ASP B 13 9.66 49.36 -37.54
N ALA B 14 8.89 48.34 -37.88
CA ALA B 14 7.47 48.24 -37.37
C ALA B 14 7.32 48.13 -35.86
N ARG B 15 6.32 48.80 -35.31
CA ARG B 15 6.10 48.71 -33.85
C ARG B 15 5.76 47.26 -33.57
N LEU B 16 6.25 46.71 -32.47
CA LEU B 16 5.92 45.29 -32.22
C LEU B 16 4.45 45.17 -31.83
N ASP B 17 3.74 44.25 -32.47
CA ASP B 17 2.31 44.02 -32.14
C ASP B 17 2.21 43.03 -30.95
N THR B 18 1.03 42.92 -30.34
CA THR B 18 0.91 42.00 -29.21
C THR B 18 0.96 40.71 -29.99
N VAL B 19 2.06 40.01 -29.84
CA VAL B 19 2.27 38.70 -30.53
C VAL B 19 2.82 37.76 -29.48
N TYR B 20 2.04 36.74 -29.18
CA TYR B 20 2.46 35.73 -28.22
C TYR B 20 3.55 34.86 -28.84
N ASP B 21 4.39 34.29 -28.00
CA ASP B 21 5.30 33.27 -28.49
C ASP B 21 4.54 32.00 -28.88
N ALA B 22 3.55 31.61 -28.08
CA ALA B 22 2.73 30.44 -28.40
C ALA B 22 1.36 30.61 -27.78
N ILE B 23 0.35 30.15 -28.49
CA ILE B 23 -1.00 30.04 -27.95
C ILE B 23 -1.34 28.57 -27.88
N VAL B 24 -1.72 28.12 -26.70
CA VAL B 24 -2.12 26.74 -26.44
C VAL B 24 -3.63 26.67 -26.53
N LEU B 25 -4.14 25.91 -27.49
CA LEU B 25 -5.57 25.75 -27.69
C LEU B 25 -6.03 24.51 -26.93
N GLY B 26 -6.74 24.74 -25.84
CA GLY B 26 -7.14 23.70 -24.92
C GLY B 26 -6.31 23.68 -23.67
N GLY B 27 -6.97 23.84 -22.52
CA GLY B 27 -6.29 23.84 -21.24
C GLY B 27 -6.55 22.56 -20.48
N GLY B 28 -6.34 21.42 -21.14
CA GLY B 28 -6.43 20.13 -20.51
C GLY B 28 -5.06 19.60 -20.14
N MET B 29 -4.91 18.28 -20.18
CA MET B 29 -3.68 17.65 -19.70
C MET B 29 -2.49 18.07 -20.55
N GLY B 30 -2.60 17.94 -21.87
CA GLY B 30 -1.49 18.26 -22.73
C GLY B 30 -1.24 19.76 -22.80
N GLY B 31 -2.31 20.54 -22.91
CA GLY B 31 -2.14 21.97 -23.02
C GLY B 31 -1.55 22.59 -21.76
N LEU B 32 -1.96 22.13 -20.59
CA LEU B 32 -1.40 22.70 -19.39
C LEU B 32 0.04 22.28 -19.19
N SER B 33 0.39 21.07 -19.62
CA SER B 33 1.80 20.71 -19.60
C SER B 33 2.60 21.65 -20.49
N ALA B 34 2.11 21.87 -21.70
CA ALA B 34 2.79 22.78 -22.61
C ALA B 34 2.92 24.17 -22.00
N ALA B 35 1.87 24.65 -21.33
CA ALA B 35 1.87 26.00 -20.76
C ALA B 35 2.87 26.12 -19.62
N ILE B 36 2.95 25.09 -18.78
CA ILE B 36 3.93 25.09 -17.70
C ILE B 36 5.35 25.18 -18.27
N TYR B 37 5.64 24.37 -19.30
CA TYR B 37 6.98 24.40 -19.89
C TYR B 37 7.26 25.73 -20.59
N LEU B 38 6.31 26.23 -21.38
CA LEU B 38 6.52 27.49 -22.10
C LEU B 38 6.80 28.65 -21.14
N ALA B 39 6.01 28.76 -20.08
CA ALA B 39 6.23 29.82 -19.10
C ALA B 39 7.58 29.64 -18.42
N ARG B 40 7.94 28.39 -18.10
CA ARG B 40 9.23 28.15 -17.47
C ARG B 40 10.39 28.27 -18.45
N TYR B 41 10.12 28.38 -19.74
CA TYR B 41 11.12 28.77 -20.71
C TYR B 41 11.18 30.29 -20.90
N GLY B 42 10.45 31.05 -20.09
CA GLY B 42 10.45 32.49 -20.21
C GLY B 42 9.78 33.00 -21.46
N LEU B 43 8.82 32.25 -22.01
CA LEU B 43 8.09 32.64 -23.20
C LEU B 43 6.69 33.12 -22.82
N LYS B 44 6.15 33.99 -23.65
CA LYS B 44 4.83 34.56 -23.42
C LYS B 44 3.79 33.67 -24.09
N CYS B 45 2.93 33.06 -23.29
CA CYS B 45 1.97 32.13 -23.84
C CYS B 45 0.58 32.37 -23.27
N LEU B 46 -0.41 32.03 -24.08
CA LEU B 46 -1.82 32.15 -23.75
C LEU B 46 -2.46 30.77 -23.85
N VAL B 47 -3.23 30.40 -22.83
CA VAL B 47 -4.00 29.17 -22.84
C VAL B 47 -5.47 29.54 -23.05
N VAL B 48 -6.09 28.95 -24.05
CA VAL B 48 -7.51 29.16 -24.34
C VAL B 48 -8.25 27.89 -23.96
N GLU B 49 -9.23 28.00 -23.05
CA GLU B 49 -9.94 26.81 -22.55
C GLU B 49 -11.42 27.09 -22.46
N LYS B 50 -12.23 26.23 -23.09
CA LYS B 50 -13.68 26.40 -23.14
C LYS B 50 -14.37 25.86 -21.89
N GLY B 51 -13.76 24.91 -21.20
CA GLY B 51 -14.34 24.28 -20.03
C GLY B 51 -15.05 22.98 -20.37
N ARG B 52 -15.17 22.12 -19.36
CA ARG B 52 -15.99 20.91 -19.43
C ARG B 52 -15.53 20.00 -20.57
N GLY B 53 -14.22 19.77 -20.65
CA GLY B 53 -13.64 18.86 -21.62
C GLY B 53 -13.60 17.42 -21.13
N ARG B 54 -12.97 16.57 -21.96
CA ARG B 54 -12.95 15.13 -21.68
C ARG B 54 -12.35 14.84 -20.30
N SER B 55 -11.16 15.37 -20.00
CA SER B 55 -10.53 15.06 -18.74
C SER B 55 -11.32 15.61 -17.56
N PHE B 56 -12.19 16.60 -17.79
CA PHE B 56 -13.05 17.11 -16.72
C PHE B 56 -14.05 16.07 -16.25
N TRP B 57 -14.39 15.10 -17.10
CA TRP B 57 -15.33 14.06 -16.73
C TRP B 57 -14.65 12.79 -16.23
N MET B 58 -13.32 12.78 -16.20
CA MET B 58 -12.55 11.67 -15.61
C MET B 58 -12.67 11.74 -14.09
N GLN B 59 -13.29 10.74 -13.48
CA GLN B 59 -13.47 10.75 -12.04
C GLN B 59 -12.28 10.17 -11.30
N ASP B 60 -11.53 9.26 -11.92
CA ASP B 60 -10.42 8.57 -11.25
C ASP B 60 -9.31 8.35 -12.27
N LEU B 61 -8.23 9.13 -12.18
CA LEU B 61 -7.05 8.90 -13.01
C LEU B 61 -6.27 7.72 -12.42
N ARG B 62 -6.34 6.56 -13.09
CA ARG B 62 -5.99 5.30 -12.44
C ARG B 62 -4.51 4.95 -12.49
N ASN B 63 -3.75 5.53 -13.42
CA ASN B 63 -2.51 4.90 -13.86
C ASN B 63 -1.42 5.92 -14.17
N TYR B 64 -1.36 7.02 -13.41
CA TYR B 64 -0.43 8.13 -13.71
C TYR B 64 0.59 8.28 -12.57
N VAL B 65 1.88 8.14 -12.91
CA VAL B 65 2.94 8.20 -11.91
C VAL B 65 2.79 9.46 -11.06
N GLY B 66 2.83 9.28 -9.75
CA GLY B 66 2.84 10.39 -8.81
C GLY B 66 1.48 10.72 -8.20
N LEU B 67 0.38 10.28 -8.80
CA LEU B 67 -0.97 10.65 -8.35
C LEU B 67 -1.75 9.45 -7.84
N ASP B 68 -2.48 9.64 -6.74
CA ASP B 68 -3.37 8.62 -6.22
C ASP B 68 -4.37 8.20 -7.31
N PRO B 69 -4.73 6.92 -7.39
CA PRO B 69 -5.58 6.46 -8.51
C PRO B 69 -7.04 6.89 -8.41
N ASP B 70 -7.44 7.62 -7.38
CA ASP B 70 -8.78 8.17 -7.28
C ASP B 70 -8.78 9.69 -7.49
N THR B 71 -7.74 10.24 -8.11
CA THR B 71 -7.67 11.67 -8.36
C THR B 71 -8.56 12.04 -9.53
N PRO B 72 -9.50 12.98 -9.38
CA PRO B 72 -10.34 13.37 -10.52
C PRO B 72 -9.63 14.36 -11.44
N GLY B 73 -9.98 14.26 -12.72
CA GLY B 73 -9.37 15.14 -13.70
C GLY B 73 -9.57 16.62 -13.40
N ARG B 74 -10.74 16.98 -12.87
CA ARG B 74 -10.99 18.39 -12.59
C ARG B 74 -10.02 18.94 -11.56
N ASP B 75 -9.57 18.10 -10.62
CA ASP B 75 -8.59 18.54 -9.63
C ASP B 75 -7.22 18.72 -10.25
N ILE B 76 -6.85 17.86 -11.21
CA ILE B 76 -5.57 18.06 -11.89
C ILE B 76 -5.61 19.33 -12.70
N ILE B 77 -6.73 19.59 -13.38
CA ILE B 77 -6.87 20.80 -14.17
C ILE B 77 -6.69 22.04 -13.30
N THR B 78 -7.38 22.10 -12.16
CA THR B 78 -7.25 23.26 -11.29
C THR B 78 -5.83 23.42 -10.78
N HIS B 79 -5.19 22.32 -10.39
CA HIS B 79 -3.81 22.37 -9.91
C HIS B 79 -2.86 22.87 -10.99
N SER B 80 -2.98 22.32 -12.21
CA SER B 80 -2.04 22.66 -13.28
C SER B 80 -2.34 24.02 -13.88
N THR B 81 -3.59 24.46 -13.89
CA THR B 81 -3.88 25.82 -14.31
C THR B 81 -3.21 26.82 -13.36
N GLN B 82 -3.31 26.56 -12.06
CA GLN B 82 -2.67 27.43 -11.08
C GLN B 82 -1.15 27.44 -11.24
N GLN B 83 -0.55 26.28 -11.51
CA GLN B 83 0.89 26.24 -11.77
C GLN B 83 1.25 27.02 -13.01
N ALA B 84 0.52 26.81 -14.11
CA ALA B 84 0.83 27.54 -15.35
C ALA B 84 0.78 29.04 -15.13
N LEU B 85 -0.26 29.52 -14.45
CA LEU B 85 -0.37 30.95 -14.15
C LEU B 85 0.76 31.42 -13.25
N HIS B 86 1.13 30.57 -12.28
CA HIS B 86 2.22 30.91 -11.37
C HIS B 86 3.52 31.16 -12.11
N TRP B 87 3.82 30.35 -13.13
CA TRP B 87 5.06 30.53 -13.86
C TRP B 87 4.99 31.67 -14.87
N GLY B 88 3.79 32.13 -15.23
CA GLY B 88 3.67 33.30 -16.08
C GLY B 88 2.79 33.16 -17.31
N ALA B 89 2.13 32.02 -17.47
CA ALA B 89 1.17 31.85 -18.56
C ALA B 89 -0.07 32.69 -18.30
N ASP B 90 -0.75 33.07 -19.39
CA ASP B 90 -2.05 33.74 -19.35
C ASP B 90 -3.15 32.76 -19.74
N LEU B 91 -4.35 32.94 -19.15
CA LEU B 91 -5.50 32.08 -19.42
C LEU B 91 -6.66 32.90 -19.95
N LEU B 92 -7.30 32.43 -21.02
CA LEU B 92 -8.51 33.03 -21.55
C LEU B 92 -9.59 31.95 -21.61
N ARG B 93 -10.73 32.20 -20.96
CA ARG B 93 -11.86 31.28 -21.06
C ARG B 93 -12.68 31.63 -22.29
N GLY B 94 -12.67 30.74 -23.27
CA GLY B 94 -13.30 30.99 -24.54
C GLY B 94 -13.19 29.76 -25.41
N TYR B 95 -13.78 29.87 -26.59
CA TYR B 95 -13.90 28.75 -27.53
C TYR B 95 -13.20 29.13 -28.82
N VAL B 96 -12.16 28.36 -29.17
CA VAL B 96 -11.40 28.64 -30.37
C VAL B 96 -12.24 28.31 -31.59
N GLU B 97 -12.37 29.28 -32.50
CA GLU B 97 -13.19 29.17 -33.69
C GLU B 97 -12.39 28.97 -34.95
N ASP B 98 -11.19 29.56 -35.04
CA ASP B 98 -10.46 29.53 -36.28
C ASP B 98 -8.99 29.85 -36.04
N VAL B 99 -8.14 29.21 -36.84
CA VAL B 99 -6.72 29.50 -36.90
C VAL B 99 -6.39 29.79 -38.35
N THR B 100 -5.74 30.92 -38.60
CA THR B 100 -5.41 31.34 -39.95
C THR B 100 -3.91 31.53 -40.06
N ASP B 101 -3.35 31.02 -41.16
CA ASP B 101 -1.92 31.13 -41.41
C ASP B 101 -1.62 32.48 -42.04
N GLU B 102 -0.77 33.29 -41.38
CA GLU B 102 -0.39 34.59 -41.89
C GLU B 102 1.09 34.68 -42.20
N GLY B 103 1.75 33.56 -42.47
CA GLY B 103 3.16 33.59 -42.80
C GLY B 103 4.04 33.40 -41.58
N ASP B 104 4.60 34.50 -41.09
CA ASP B 104 5.46 34.48 -39.92
C ASP B 104 4.69 34.41 -38.60
N THR B 105 3.36 34.50 -38.64
CA THR B 105 2.54 34.37 -37.46
C THR B 105 1.25 33.65 -37.81
N LEU B 106 0.54 33.23 -36.78
CA LEU B 106 -0.79 32.69 -36.95
C LEU B 106 -1.77 33.60 -36.21
N ALA B 107 -3.00 33.65 -36.71
CA ALA B 107 -4.06 34.43 -36.09
C ALA B 107 -5.14 33.49 -35.54
N VAL B 108 -5.50 33.68 -34.28
CA VAL B 108 -6.40 32.78 -33.57
C VAL B 108 -7.64 33.57 -33.15
N LYS B 109 -8.80 33.19 -33.69
CA LYS B 109 -10.06 33.83 -33.31
C LYS B 109 -10.72 33.02 -32.21
N VAL B 110 -11.12 33.71 -31.13
CA VAL B 110 -11.67 33.07 -29.95
C VAL B 110 -13.05 33.65 -29.69
N LYS B 111 -14.03 32.76 -29.50
CA LYS B 111 -15.37 33.17 -29.07
C LYS B 111 -15.38 33.33 -27.56
N VAL B 112 -15.63 34.55 -27.09
CA VAL B 112 -15.60 34.85 -25.66
C VAL B 112 -17.03 35.20 -25.24
N GLY B 113 -17.57 34.42 -24.29
CA GLY B 113 -18.96 34.53 -23.88
C GLY B 113 -19.83 33.53 -24.60
N LYS B 114 -20.56 32.68 -23.88
CA LYS B 114 -21.45 31.74 -24.55
C LYS B 114 -22.64 32.46 -25.18
N LYS B 115 -23.07 33.58 -24.60
CA LYS B 115 -24.05 34.46 -25.22
C LYS B 115 -23.45 35.85 -25.35
N ASP B 116 -24.04 36.65 -26.24
CA ASP B 116 -23.55 37.99 -26.54
C ASP B 116 -22.03 37.98 -26.75
N SER B 117 -21.58 37.08 -27.61
CA SER B 117 -20.17 36.74 -27.70
C SER B 117 -19.37 37.80 -28.45
N LEU B 118 -18.15 38.03 -27.98
CA LEU B 118 -17.12 38.78 -28.70
C LEU B 118 -16.17 37.79 -29.35
N TYR B 119 -15.46 38.25 -30.38
CA TYR B 119 -14.56 37.38 -31.14
C TYR B 119 -13.18 38.01 -31.30
N PRO B 120 -12.44 38.20 -30.20
CA PRO B 120 -11.08 38.73 -30.30
C PRO B 120 -10.20 37.79 -31.11
N ILE B 121 -9.22 38.40 -31.80
CA ILE B 121 -8.24 37.67 -32.60
C ILE B 121 -6.85 37.92 -32.03
N PHE B 122 -6.15 36.84 -31.71
CA PHE B 122 -4.80 36.91 -31.16
C PHE B 122 -3.77 36.46 -32.19
N ARG B 123 -2.61 37.09 -32.18
CA ARG B 123 -1.52 36.75 -33.09
C ARG B 123 -0.42 36.05 -32.30
N THR B 124 0.22 35.06 -32.93
CA THR B 124 1.21 34.27 -32.25
C THR B 124 2.21 33.69 -33.23
N LYS B 125 3.42 33.41 -32.73
CA LYS B 125 4.41 32.72 -33.54
C LYS B 125 4.06 31.23 -33.71
N TYR B 126 3.46 30.61 -32.69
CA TYR B 126 3.22 29.17 -32.70
C TYR B 126 1.85 28.86 -32.10
N VAL B 127 1.26 27.78 -32.60
CA VAL B 127 0.00 27.27 -32.09
C VAL B 127 0.22 25.83 -31.65
N ILE B 128 -0.26 25.52 -30.45
CA ILE B 128 -0.30 24.15 -29.95
C ILE B 128 -1.75 23.74 -29.89
N ALA B 129 -2.14 22.84 -30.79
CA ALA B 129 -3.50 22.30 -30.83
C ALA B 129 -3.61 21.17 -29.81
N ALA B 130 -4.33 21.43 -28.73
CA ALA B 130 -4.46 20.53 -27.59
C ALA B 130 -5.91 20.44 -27.14
N THR B 131 -6.83 20.43 -28.10
CA THR B 131 -8.25 20.49 -27.78
C THR B 131 -8.91 19.11 -27.65
N GLY B 132 -8.18 18.04 -27.97
CA GLY B 132 -8.65 16.68 -27.70
C GLY B 132 -9.95 16.31 -28.42
N ILE B 133 -10.71 15.46 -27.75
CA ILE B 133 -11.91 14.83 -28.28
C ILE B 133 -12.94 14.77 -27.17
N ILE B 134 -14.13 14.28 -27.49
CA ILE B 134 -15.10 13.93 -26.45
C ILE B 134 -15.88 12.70 -26.90
N ASP B 135 -16.03 11.74 -26.00
CA ASP B 135 -16.70 10.48 -26.30
C ASP B 135 -18.20 10.70 -26.51
N ASN B 136 -18.74 10.04 -27.52
CA ASN B 136 -20.20 9.98 -27.64
C ASN B 136 -20.77 9.09 -26.52
N LEU B 137 -21.91 9.51 -25.97
CA LEU B 137 -22.62 8.76 -24.95
C LEU B 137 -23.97 8.30 -25.49
N PRO B 138 -24.50 7.20 -24.97
CA PRO B 138 -25.85 6.79 -25.37
C PRO B 138 -26.85 7.85 -24.93
N GLN B 139 -27.71 8.25 -25.85
CA GLN B 139 -28.64 9.34 -25.60
C GLN B 139 -29.94 8.76 -25.04
N LEU B 140 -30.28 9.18 -23.83
CA LEU B 140 -31.53 8.85 -23.17
C LEU B 140 -32.32 10.14 -22.95
N GLU B 141 -33.65 10.00 -22.77
CA GLU B 141 -34.45 11.17 -22.49
C GLU B 141 -33.91 11.95 -21.29
N ASP B 142 -33.52 11.23 -20.22
CA ASP B 142 -32.93 11.82 -19.03
C ASP B 142 -31.42 11.56 -19.03
N MET B 143 -30.65 12.50 -19.57
CA MET B 143 -29.22 12.26 -19.68
C MET B 143 -28.53 12.18 -18.32
N GLN B 144 -29.13 12.73 -17.26
CA GLN B 144 -28.50 12.65 -15.94
C GLN B 144 -28.39 11.20 -15.49
N ASN B 145 -29.32 10.33 -15.91
CA ASN B 145 -29.20 8.91 -15.60
C ASN B 145 -27.95 8.32 -16.19
N VAL B 146 -27.53 8.80 -17.37
CA VAL B 146 -26.26 8.35 -17.96
C VAL B 146 -25.08 8.98 -17.22
N TYR B 147 -25.15 10.28 -16.96
CA TYR B 147 -24.05 10.99 -16.31
C TYR B 147 -23.77 10.45 -14.92
N ASP B 148 -24.79 9.91 -14.25
CA ASP B 148 -24.59 9.37 -12.91
C ASP B 148 -23.65 8.18 -12.89
N TYR B 149 -23.47 7.52 -14.02
CA TYR B 149 -22.61 6.36 -14.11
C TYR B 149 -21.44 6.54 -15.06
N ALA B 150 -21.54 7.42 -16.06
CA ALA B 150 -20.47 7.62 -17.02
C ALA B 150 -19.25 8.22 -16.33
N GLY B 151 -18.13 7.53 -16.43
CA GLY B 151 -16.91 7.93 -15.76
C GLY B 151 -16.76 7.39 -14.34
N TYR B 152 -17.79 6.74 -13.81
CA TYR B 152 -17.71 6.13 -12.49
C TYR B 152 -17.53 4.63 -12.66
N THR B 153 -18.62 3.90 -12.92
CA THR B 153 -18.54 2.47 -13.22
C THR B 153 -18.92 2.15 -14.66
N LEU B 154 -19.40 3.13 -15.42
CA LEU B 154 -19.62 2.99 -16.86
C LEU B 154 -18.50 3.73 -17.59
N HIS B 155 -17.57 2.98 -18.16
CA HIS B 155 -16.32 3.53 -18.65
C HIS B 155 -16.37 3.85 -20.14
N VAL B 156 -15.45 4.71 -20.56
CA VAL B 156 -15.31 5.05 -21.97
C VAL B 156 -13.98 4.64 -22.55
N CYS B 157 -13.04 4.20 -21.73
CA CYS B 157 -11.65 3.96 -22.13
C CYS B 157 -11.21 2.61 -21.57
N MET B 158 -10.99 1.63 -22.45
CA MET B 158 -10.68 0.29 -21.99
C MET B 158 -9.32 0.20 -21.31
N ILE B 159 -8.30 0.85 -21.86
CA ILE B 159 -7.00 0.72 -21.22
C ILE B 159 -6.98 1.45 -19.89
N CYS B 160 -7.75 2.54 -19.77
CA CYS B 160 -7.85 3.25 -18.50
C CYS B 160 -8.42 2.36 -17.41
N ASP B 161 -9.54 1.69 -17.68
CA ASP B 161 -10.36 1.09 -16.63
C ASP B 161 -10.54 -0.41 -16.75
N GLY B 162 -10.00 -1.05 -17.77
CA GLY B 162 -10.23 -2.47 -17.94
C GLY B 162 -9.90 -3.27 -16.69
N PHE B 163 -8.80 -2.94 -16.03
CA PHE B 163 -8.42 -3.66 -14.81
C PHE B 163 -9.55 -3.64 -13.78
N ASP B 164 -10.24 -2.51 -13.67
CA ASP B 164 -11.30 -2.33 -12.70
C ASP B 164 -12.59 -3.00 -13.12
N MET B 165 -12.63 -3.62 -14.30
CA MET B 165 -13.75 -4.42 -14.77
C MET B 165 -13.50 -5.92 -14.64
N TRP B 166 -12.37 -6.32 -14.08
CA TRP B 166 -11.90 -7.71 -14.22
C TRP B 166 -12.96 -8.71 -13.77
N ASP B 167 -13.37 -9.57 -14.71
CA ASP B 167 -14.29 -10.68 -14.45
C ASP B 167 -15.64 -10.23 -13.90
N GLN B 168 -16.06 -9.02 -14.20
CA GLN B 168 -17.39 -8.54 -13.82
C GLN B 168 -18.39 -8.70 -14.96
N LYS B 169 -19.66 -8.75 -14.59
CA LYS B 169 -20.71 -8.67 -15.60
C LYS B 169 -20.71 -7.27 -16.22
N ALA B 170 -20.54 -7.22 -17.53
CA ALA B 170 -20.29 -5.95 -18.23
C ALA B 170 -21.24 -5.82 -19.40
N VAL B 171 -21.54 -4.56 -19.74
CA VAL B 171 -22.23 -4.23 -20.98
C VAL B 171 -21.25 -3.49 -21.87
N LEU B 172 -21.25 -3.85 -23.15
CA LEU B 172 -20.56 -3.10 -24.18
C LEU B 172 -21.62 -2.38 -24.99
N ILE B 173 -21.59 -1.05 -24.94
CA ILE B 173 -22.57 -0.23 -25.66
C ILE B 173 -21.89 0.25 -26.94
N ALA B 174 -22.36 -0.27 -28.07
CA ALA B 174 -21.68 -0.07 -29.34
C ALA B 174 -22.70 0.13 -30.45
N GLY B 175 -22.47 1.13 -31.31
CA GLY B 175 -23.45 1.52 -32.29
C GLY B 175 -23.23 1.04 -33.71
N THR B 176 -22.07 0.47 -33.96
CA THR B 176 -21.76 -0.07 -35.27
C THR B 176 -21.09 -1.46 -35.17
N GLU B 177 -21.07 -2.29 -36.23
CA GLU B 177 -20.36 -3.61 -36.16
C GLU B 177 -18.82 -3.35 -35.86
N GLY B 178 -18.23 -2.30 -36.43
CA GLY B 178 -16.86 -1.95 -36.13
C GLY B 178 -16.70 -1.67 -34.62
N GLN B 179 -17.71 -1.04 -34.00
CA GLN B 179 -17.62 -0.78 -32.57
C GLN B 179 -17.91 -2.04 -31.75
N ILE B 180 -18.72 -2.96 -32.27
CA ILE B 180 -18.94 -4.22 -31.57
C ILE B 180 -17.67 -5.06 -31.53
N ASN B 181 -16.76 -4.86 -32.51
CA ASN B 181 -15.49 -5.57 -32.52
C ASN B 181 -14.73 -5.44 -31.19
N ALA B 182 -14.98 -4.36 -30.44
CA ALA B 182 -14.27 -4.19 -29.17
C ALA B 182 -14.58 -5.29 -28.17
N ALA B 183 -15.71 -5.99 -28.34
CA ALA B 183 -16.01 -7.11 -27.45
C ALA B 183 -14.90 -8.13 -27.45
N PHE B 184 -14.18 -8.24 -28.57
CA PHE B 184 -13.13 -9.23 -28.74
C PHE B 184 -11.78 -8.71 -28.32
N VAL B 185 -11.77 -7.52 -27.72
CA VAL B 185 -10.65 -6.99 -26.97
C VAL B 185 -10.99 -6.91 -25.49
N LEU B 186 -12.18 -6.41 -25.18
CA LEU B 186 -12.64 -6.32 -23.79
C LEU B 186 -12.63 -7.68 -23.10
N ASN B 187 -12.81 -8.77 -23.86
CA ASN B 187 -12.90 -10.09 -23.24
C ASN B 187 -11.59 -10.48 -22.58
N TRP B 188 -10.49 -9.80 -22.91
CA TRP B 188 -9.27 -9.93 -22.14
C TRP B 188 -9.52 -9.66 -20.65
N PHE B 189 -10.28 -8.63 -20.34
CA PHE B 189 -10.54 -8.27 -18.95
C PHE B 189 -11.71 -9.03 -18.35
N THR B 190 -12.77 -9.26 -19.12
CA THR B 190 -13.89 -10.03 -18.60
C THR B 190 -14.61 -10.77 -19.73
N PRO B 191 -14.90 -12.06 -19.56
CA PRO B 191 -15.69 -12.75 -20.60
C PRO B 191 -17.18 -12.51 -20.50
N TYR B 192 -17.65 -11.84 -19.44
CA TYR B 192 -19.08 -11.80 -19.16
C TYR B 192 -19.72 -10.56 -19.80
N ILE B 193 -19.63 -10.52 -21.13
CA ILE B 193 -20.00 -9.35 -21.92
C ILE B 193 -21.39 -9.54 -22.51
N THR B 194 -22.24 -8.54 -22.32
CA THR B 194 -23.49 -8.38 -23.05
C THR B 194 -23.35 -7.16 -23.95
N VAL B 195 -23.68 -7.32 -25.24
CA VAL B 195 -23.57 -6.25 -26.22
C VAL B 195 -24.91 -5.56 -26.34
N LEU B 196 -24.91 -4.23 -26.22
CA LEU B 196 -26.10 -3.40 -26.38
C LEU B 196 -25.86 -2.42 -27.51
N THR B 197 -26.72 -2.46 -28.53
CA THR B 197 -26.57 -1.53 -29.63
C THR B 197 -27.43 -0.29 -29.45
N HIS B 198 -28.29 -0.25 -28.43
CA HIS B 198 -29.04 0.94 -28.09
C HIS B 198 -29.96 1.37 -29.22
N GLY B 199 -30.43 0.40 -30.01
CA GLY B 199 -31.29 0.70 -31.13
C GLY B 199 -30.62 1.44 -32.28
N LEU B 200 -29.29 1.47 -32.34
CA LEU B 200 -28.63 2.33 -33.31
C LEU B 200 -28.28 1.65 -34.61
N CYS B 201 -28.03 0.35 -34.60
CA CYS B 201 -27.74 -0.38 -35.83
C CYS B 201 -28.19 -1.81 -35.66
N THR B 202 -28.52 -2.41 -36.80
CA THR B 202 -28.89 -3.81 -36.87
C THR B 202 -27.64 -4.64 -37.06
N VAL B 203 -27.46 -5.64 -36.23
CA VAL B 203 -26.29 -6.50 -36.32
C VAL B 203 -26.52 -7.55 -37.40
N GLY B 204 -25.54 -7.71 -38.27
CA GLY B 204 -25.66 -8.69 -39.34
C GLY B 204 -25.55 -10.11 -38.83
N ASP B 205 -25.88 -11.05 -39.72
CA ASP B 205 -25.92 -12.46 -39.34
C ASP B 205 -24.55 -12.97 -38.93
N GLU B 206 -23.48 -12.56 -39.62
CA GLU B 206 -22.15 -13.07 -39.30
C GLU B 206 -21.72 -12.66 -37.90
N MET B 207 -21.91 -11.39 -37.55
CA MET B 207 -21.53 -10.93 -36.22
C MET B 207 -22.41 -11.55 -35.14
N LYS B 208 -23.72 -11.68 -35.41
CA LYS B 208 -24.59 -12.33 -34.44
C LYS B 208 -24.10 -13.74 -34.13
N ALA B 209 -23.68 -14.47 -35.16
CA ALA B 209 -23.17 -15.81 -34.97
C ALA B 209 -21.86 -15.80 -34.19
N LYS B 210 -21.00 -14.82 -34.44
CA LYS B 210 -19.73 -14.81 -33.69
C LYS B 210 -19.97 -14.49 -32.23
N LEU B 211 -20.84 -13.51 -31.94
CA LEU B 211 -21.18 -13.22 -30.55
C LEU B 211 -21.79 -14.42 -29.88
N ALA B 212 -22.68 -15.13 -30.56
CA ALA B 212 -23.31 -16.31 -29.98
C ALA B 212 -22.28 -17.39 -29.69
N ASP B 213 -21.30 -17.57 -30.60
CA ASP B 213 -20.29 -18.59 -30.38
C ASP B 213 -19.41 -18.25 -29.17
N HIS B 214 -19.20 -16.97 -28.91
CA HIS B 214 -18.45 -16.55 -27.73
C HIS B 214 -19.31 -16.51 -26.48
N GLY B 215 -20.63 -16.66 -26.61
CA GLY B 215 -21.51 -16.59 -25.46
C GLY B 215 -21.84 -15.20 -24.97
N TYR B 216 -21.62 -14.16 -25.80
CA TYR B 216 -21.92 -12.78 -25.39
C TYR B 216 -23.33 -12.45 -25.83
N PRO B 217 -24.29 -12.29 -24.92
CA PRO B 217 -25.65 -11.97 -25.37
C PRO B 217 -25.70 -10.62 -26.07
N LEU B 218 -26.64 -10.51 -27.01
CA LEU B 218 -26.86 -9.32 -27.81
C LEU B 218 -28.28 -8.83 -27.59
N HIS B 219 -28.43 -7.55 -27.28
CA HIS B 219 -29.74 -6.90 -27.21
C HIS B 219 -29.70 -5.62 -28.03
N GLU B 220 -30.63 -5.50 -28.97
CA GLU B 220 -30.62 -4.37 -29.89
C GLU B 220 -31.67 -3.29 -29.57
N ALA B 221 -32.50 -3.51 -28.55
CA ALA B 221 -33.50 -2.51 -28.19
C ALA B 221 -32.85 -1.33 -27.46
N ALA B 222 -33.45 -0.15 -27.62
CA ALA B 222 -32.93 1.06 -27.00
C ALA B 222 -32.85 0.93 -25.49
N ILE B 223 -31.76 1.44 -24.92
CA ILE B 223 -31.63 1.54 -23.47
C ILE B 223 -32.53 2.66 -22.95
N THR B 224 -33.27 2.36 -21.87
CA THR B 224 -34.11 3.36 -21.23
C THR B 224 -33.67 3.76 -19.84
N LYS B 225 -32.90 2.93 -19.13
CA LYS B 225 -32.50 3.32 -17.78
C LYS B 225 -31.29 2.49 -17.34
N PHE B 226 -30.35 3.18 -16.71
CA PHE B 226 -29.27 2.53 -15.99
C PHE B 226 -29.65 2.42 -14.52
N LEU B 227 -29.52 1.23 -13.96
CA LEU B 227 -29.85 0.96 -12.57
C LEU B 227 -28.60 0.98 -11.71
N GLY B 228 -28.76 1.38 -10.45
CA GLY B 228 -27.64 1.37 -9.53
C GLY B 228 -27.86 2.35 -8.38
N GLU B 229 -26.78 2.59 -7.64
CA GLU B 229 -26.80 3.51 -6.52
C GLU B 229 -25.38 3.99 -6.25
N ASP B 230 -25.26 5.25 -5.81
CA ASP B 230 -23.97 5.85 -5.47
C ASP B 230 -22.96 5.65 -6.60
N HIS B 231 -23.41 5.86 -7.83
CA HIS B 231 -22.59 5.79 -9.04
C HIS B 231 -22.10 4.39 -9.37
N LYS B 232 -22.60 3.35 -8.70
CA LYS B 232 -22.19 1.98 -8.99
C LYS B 232 -23.37 1.33 -9.69
N MET B 233 -23.25 1.16 -11.00
CA MET B 233 -24.34 0.54 -11.75
C MET B 233 -24.58 -0.88 -11.25
N SER B 234 -25.84 -1.30 -11.30
CA SER B 234 -26.23 -2.68 -11.02
C SER B 234 -26.93 -3.36 -12.19
N GLY B 235 -27.41 -2.61 -13.18
CA GLY B 235 -28.08 -3.23 -14.30
C GLY B 235 -28.55 -2.19 -15.29
N VAL B 236 -29.26 -2.67 -16.31
CA VAL B 236 -29.73 -1.85 -17.42
C VAL B 236 -31.11 -2.32 -17.82
N GLU B 237 -31.97 -1.37 -18.17
CA GLU B 237 -33.31 -1.65 -18.70
C GLU B 237 -33.40 -1.14 -20.13
N LEU B 238 -34.08 -1.91 -20.97
CA LEU B 238 -34.32 -1.56 -22.37
C LEU B 238 -35.80 -1.29 -22.59
N VAL B 239 -36.10 -0.58 -23.67
CA VAL B 239 -37.48 -0.14 -23.93
C VAL B 239 -38.39 -1.32 -24.22
N ASP B 240 -37.86 -2.44 -24.66
CA ASP B 240 -38.69 -3.62 -24.89
C ASP B 240 -38.93 -4.44 -23.62
N GLY B 241 -38.50 -3.93 -22.46
CA GLY B 241 -38.73 -4.61 -21.20
C GLY B 241 -37.59 -5.50 -20.74
N THR B 242 -36.60 -5.75 -21.58
CA THR B 242 -35.44 -6.54 -21.16
C THR B 242 -34.76 -5.85 -19.99
N VAL B 243 -34.46 -6.61 -18.95
CA VAL B 243 -33.67 -6.14 -17.81
C VAL B 243 -32.50 -7.10 -17.63
N MET B 244 -31.33 -6.54 -17.31
CA MET B 244 -30.14 -7.35 -17.11
C MET B 244 -29.32 -6.80 -15.96
N GLU B 245 -28.50 -7.68 -15.39
CA GLU B 245 -27.58 -7.32 -14.33
C GLU B 245 -26.20 -7.03 -14.91
N ALA B 246 -25.59 -5.94 -14.45
CA ALA B 246 -24.23 -5.58 -14.85
C ALA B 246 -23.69 -4.58 -13.83
N THR B 247 -22.44 -4.78 -13.41
CA THR B 247 -21.79 -3.87 -12.46
C THR B 247 -20.81 -2.93 -13.14
N THR B 248 -20.65 -3.03 -14.45
CA THR B 248 -19.73 -2.15 -15.16
C THR B 248 -20.07 -2.21 -16.64
N GLY B 249 -19.39 -1.37 -17.41
CA GLY B 249 -19.60 -1.35 -18.84
C GLY B 249 -18.55 -0.51 -19.53
N LEU B 250 -18.50 -0.66 -20.84
CA LEU B 250 -17.64 0.13 -21.70
C LEU B 250 -18.52 0.74 -22.79
N ILE B 251 -18.46 2.05 -22.92
CA ILE B 251 -19.11 2.74 -24.02
C ILE B 251 -18.14 2.82 -25.19
N ASN B 252 -18.51 2.25 -26.33
CA ASN B 252 -17.69 2.32 -27.53
C ASN B 252 -18.59 2.82 -28.68
N MET B 253 -18.91 4.11 -28.63
CA MET B 253 -19.79 4.73 -29.62
C MET B 253 -19.08 5.82 -30.41
N GLY B 254 -17.75 5.86 -30.39
CA GLY B 254 -17.04 6.86 -31.17
C GLY B 254 -16.86 8.17 -30.42
N SER B 255 -16.25 9.12 -31.10
CA SER B 255 -15.92 10.40 -30.49
C SER B 255 -16.16 11.54 -31.46
N VAL B 256 -16.28 12.74 -30.89
CA VAL B 256 -16.24 14.00 -31.64
C VAL B 256 -14.85 14.59 -31.44
N TYR B 257 -14.19 14.96 -32.53
CA TYR B 257 -12.84 15.52 -32.51
C TYR B 257 -12.91 17.03 -32.54
N HIS B 258 -12.20 17.68 -31.61
CA HIS B 258 -12.19 19.14 -31.52
C HIS B 258 -11.09 19.67 -32.42
N ASN B 259 -11.38 19.69 -33.72
CA ASN B 259 -10.38 20.04 -34.72
C ASN B 259 -10.92 20.99 -35.78
N HIS B 260 -12.14 21.52 -35.63
CA HIS B 260 -12.76 22.27 -36.72
C HIS B 260 -11.94 23.51 -37.06
N TYR B 261 -11.34 24.15 -36.06
CA TYR B 261 -10.63 25.41 -36.28
C TYR B 261 -9.35 25.26 -37.08
N LEU B 262 -8.93 24.03 -37.42
CA LEU B 262 -7.73 23.80 -38.22
C LEU B 262 -8.01 23.32 -39.63
N LYS B 263 -9.26 23.05 -39.99
CA LYS B 263 -9.56 22.40 -41.26
C LYS B 263 -9.23 23.27 -42.46
N GLY B 264 -9.07 24.58 -42.28
CA GLY B 264 -8.70 25.45 -43.38
C GLY B 264 -7.22 25.65 -43.60
N ILE B 265 -6.35 25.01 -42.83
CA ILE B 265 -4.91 25.28 -42.90
C ILE B 265 -4.31 24.40 -43.99
N GLU B 266 -3.71 25.03 -44.99
CA GLU B 266 -3.01 24.31 -46.03
C GLU B 266 -1.69 23.79 -45.49
N GLY B 267 -1.31 22.60 -45.93
CA GLY B 267 -0.05 22.01 -45.53
C GLY B 267 -0.09 21.20 -44.26
N LEU B 268 -1.28 20.90 -43.73
CA LEU B 268 -1.42 20.06 -42.55
C LEU B 268 -1.74 18.63 -42.97
N GLU B 269 -0.94 17.68 -42.48
CA GLU B 269 -1.16 16.28 -42.77
C GLU B 269 -2.10 15.68 -41.74
N TRP B 270 -3.18 15.07 -42.22
CA TRP B 270 -4.19 14.46 -41.38
C TRP B 270 -4.14 12.95 -41.55
N ASP B 271 -4.49 12.24 -40.47
CA ASP B 271 -4.78 10.81 -40.49
C ASP B 271 -6.21 10.65 -40.01
N GLY B 272 -7.16 10.68 -40.95
CA GLY B 272 -8.56 10.80 -40.57
C GLY B 272 -8.79 12.12 -39.87
N GLU B 273 -9.34 12.06 -38.67
CA GLU B 273 -9.59 13.26 -37.86
C GLU B 273 -8.40 13.65 -37.00
N ASN B 274 -7.35 12.83 -36.98
CA ASN B 274 -6.17 13.11 -36.17
C ASN B 274 -5.11 13.85 -36.99
N LEU B 275 -4.25 14.56 -36.27
CA LEU B 275 -3.09 15.21 -36.87
C LEU B 275 -1.88 14.30 -36.74
N VAL B 276 -1.12 14.18 -37.84
CA VAL B 276 0.13 13.43 -37.88
C VAL B 276 1.26 14.32 -37.37
N THR B 277 2.04 13.80 -36.42
CA THR B 277 3.13 14.55 -35.81
C THR B 277 4.44 13.76 -35.88
N ASN B 278 5.54 14.49 -35.70
CA ASN B 278 6.86 13.88 -35.60
C ASN B 278 7.18 13.63 -34.11
N ASP B 279 8.45 13.38 -33.81
CA ASP B 279 8.81 12.98 -32.45
C ASP B 279 8.94 14.16 -31.49
N MET B 280 8.68 15.39 -31.95
CA MET B 280 8.55 16.54 -31.06
C MET B 280 7.13 17.10 -31.05
N ALA B 281 6.14 16.32 -31.49
CA ALA B 281 4.73 16.71 -31.51
C ALA B 281 4.41 17.82 -32.51
N GLN B 282 5.26 17.99 -33.52
CA GLN B 282 5.05 18.99 -34.54
C GLN B 282 4.27 18.39 -35.70
N THR B 283 3.28 19.15 -36.19
CA THR B 283 2.62 18.74 -37.41
C THR B 283 3.51 19.02 -38.61
N SER B 284 3.02 18.71 -39.80
CA SER B 284 3.72 19.09 -41.01
C SER B 284 3.77 20.60 -41.23
N HIS B 285 2.97 21.37 -40.49
CA HIS B 285 3.07 22.83 -40.57
C HIS B 285 4.11 23.31 -39.57
N PRO B 286 5.11 24.09 -39.99
CA PRO B 286 6.23 24.41 -39.07
C PRO B 286 5.83 25.21 -37.85
N ARG B 287 4.65 25.83 -37.83
CA ARG B 287 4.24 26.62 -36.69
C ARG B 287 3.12 25.98 -35.87
N ILE B 288 2.72 24.74 -36.18
CA ILE B 288 1.61 24.10 -35.49
C ILE B 288 2.07 22.77 -34.89
N PHE B 289 1.80 22.60 -33.62
CA PHE B 289 2.01 21.37 -32.87
C PHE B 289 0.66 20.79 -32.46
N ALA B 290 0.63 19.48 -32.23
CA ALA B 290 -0.60 18.81 -31.84
C ALA B 290 -0.33 17.80 -30.73
N LEU B 291 -1.16 17.80 -29.71
CA LEU B 291 -0.92 17.00 -28.52
C LEU B 291 -2.02 16.00 -28.27
N GLY B 292 -1.67 14.96 -27.53
CA GLY B 292 -2.67 14.18 -26.82
C GLY B 292 -3.69 13.54 -27.73
N ASP B 293 -4.95 13.65 -27.35
CA ASP B 293 -6.01 12.92 -28.05
C ASP B 293 -6.21 13.39 -29.47
N LEU B 294 -5.76 14.60 -29.80
CA LEU B 294 -5.91 15.12 -31.15
C LEU B 294 -4.88 14.53 -32.10
N LYS B 295 -3.69 14.21 -31.63
CA LYS B 295 -2.67 13.68 -32.52
C LYS B 295 -2.88 12.17 -32.71
N LYS B 296 -2.28 11.66 -33.78
CA LYS B 296 -2.32 10.22 -34.04
C LYS B 296 -1.49 9.50 -33.00
N GLY B 297 -2.09 8.57 -32.27
CA GLY B 297 -1.40 7.84 -31.24
C GLY B 297 -2.34 7.45 -30.11
N LEU B 298 -1.74 7.06 -28.99
CA LEU B 298 -2.47 6.55 -27.84
C LEU B 298 -3.06 7.71 -27.04
N ASN B 299 -4.28 7.52 -26.52
CA ASN B 299 -4.99 8.56 -25.76
C ASN B 299 -4.88 8.29 -24.27
N GLN B 300 -3.86 8.84 -23.63
CA GLN B 300 -3.69 8.74 -22.18
C GLN B 300 -3.18 10.09 -21.68
N VAL B 301 -3.37 10.33 -20.38
CA VAL B 301 -2.87 11.55 -19.76
C VAL B 301 -1.34 11.64 -19.90
N SER B 302 -0.65 10.56 -19.56
CA SER B 302 0.81 10.58 -19.62
C SER B 302 1.29 10.96 -21.01
N VAL B 303 0.67 10.40 -22.04
CA VAL B 303 1.06 10.69 -23.42
C VAL B 303 0.82 12.16 -23.74
N ALA B 304 -0.34 12.70 -23.36
CA ALA B 304 -0.65 14.08 -23.64
C ALA B 304 0.29 15.03 -22.91
N VAL B 305 0.61 14.75 -21.65
CA VAL B 305 1.51 15.58 -20.87
C VAL B 305 2.90 15.61 -21.49
N ALA B 306 3.42 14.45 -21.91
CA ALA B 306 4.73 14.42 -22.55
C ALA B 306 4.74 15.15 -23.89
N ASP B 307 3.65 15.03 -24.66
CA ASP B 307 3.55 15.80 -25.90
C ASP B 307 3.71 17.29 -25.63
N GLY B 308 3.06 17.80 -24.57
CA GLY B 308 3.18 19.20 -24.25
C GLY B 308 4.61 19.60 -23.94
N THR B 309 5.31 18.74 -23.20
CA THR B 309 6.73 18.92 -22.92
C THR B 309 7.53 19.07 -24.21
N LEU B 310 7.32 18.14 -25.15
CA LEU B 310 8.10 18.10 -26.39
C LEU B 310 7.82 19.33 -27.25
N ALA B 311 6.54 19.67 -27.41
CA ALA B 311 6.16 20.81 -28.23
C ALA B 311 6.73 22.11 -27.67
N ALA B 312 6.60 22.32 -26.35
CA ALA B 312 7.11 23.53 -25.74
C ALA B 312 8.61 23.64 -25.88
N THR B 313 9.29 22.50 -25.75
CA THR B 313 10.75 22.48 -25.86
C THR B 313 11.19 22.82 -27.28
N GLN B 314 10.50 22.27 -28.30
CA GLN B 314 10.85 22.63 -29.67
C GLN B 314 10.61 24.11 -29.94
N ILE B 315 9.52 24.67 -29.42
CA ILE B 315 9.24 26.09 -29.64
C ILE B 315 10.30 26.96 -29.00
N TRP B 316 10.70 26.63 -27.77
CA TRP B 316 11.76 27.35 -27.10
C TRP B 316 13.07 27.29 -27.90
N ARG B 317 13.42 26.10 -28.35
CA ARG B 317 14.61 25.94 -29.17
C ARG B 317 14.58 26.85 -30.40
N ASN B 318 13.45 26.88 -31.10
CA ASN B 318 13.32 27.73 -32.28
C ASN B 318 13.51 29.20 -31.91
N ILE B 319 12.83 29.66 -30.86
CA ILE B 319 12.84 31.08 -30.50
C ILE B 319 14.21 31.47 -29.96
N ARG B 320 14.75 30.64 -29.06
CA ARG B 320 16.08 30.88 -28.52
C ARG B 320 17.10 30.99 -29.64
N ARG B 321 17.05 30.07 -30.60
CA ARG B 321 18.04 30.08 -31.67
C ARG B 321 17.92 31.32 -32.57
N ALA B 322 16.76 31.97 -32.61
CA ALA B 322 16.57 33.17 -33.41
C ALA B 322 16.86 34.46 -32.65
N SER B 323 17.21 34.38 -31.37
CA SER B 323 17.34 35.55 -30.51
C SER B 323 18.79 35.99 -30.38
N GLU B 324 18.97 37.27 -29.95
CA GLU B 324 20.31 37.81 -29.72
C GLU B 324 20.84 37.37 -28.35
N PRO B 325 22.12 37.05 -28.24
CA PRO B 325 22.67 36.62 -26.95
C PRO B 325 22.52 37.70 -25.88
N ARG B 326 22.27 37.24 -24.66
CA ARG B 326 22.26 38.09 -23.48
C ARG B 326 23.67 38.16 -22.89
N LYS B 327 24.30 39.32 -23.01
CA LYS B 327 25.67 39.49 -22.56
C LYS B 327 25.70 40.12 -21.17
N TRP B 328 26.83 39.92 -20.50
CA TRP B 328 27.05 40.45 -19.15
C TRP B 328 27.92 41.70 -19.26
N ILE B 329 27.38 42.84 -18.86
CA ILE B 329 28.16 44.07 -18.90
C ILE B 329 28.62 44.35 -17.43
N HIS B 330 29.93 44.40 -17.12
CA HIS B 330 30.44 44.65 -15.73
C HIS B 330 31.92 45.13 -15.61
N THR C 18 -26.46 8.48 6.57
CA THR C 18 -26.18 7.18 7.15
C THR C 18 -25.56 7.29 8.54
N VAL C 19 -26.07 6.50 9.49
CA VAL C 19 -25.48 6.37 10.82
C VAL C 19 -24.79 5.01 10.89
N TYR C 20 -23.47 5.00 11.03
CA TYR C 20 -22.77 3.73 11.14
C TYR C 20 -23.03 3.07 12.50
N ASP C 21 -22.92 1.75 12.54
CA ASP C 21 -22.91 1.05 13.81
C ASP C 21 -21.60 1.32 14.55
N ALA C 22 -20.49 1.34 13.83
CA ALA C 22 -19.20 1.59 14.44
C ALA C 22 -18.27 2.20 13.39
N ILE C 23 -17.44 3.13 13.82
CA ILE C 23 -16.37 3.66 13.00
C ILE C 23 -15.07 3.29 13.70
N VAL C 24 -14.19 2.65 12.95
CA VAL C 24 -12.88 2.24 13.45
C VAL C 24 -11.86 3.29 13.02
N LEU C 25 -11.22 3.94 13.98
CA LEU C 25 -10.23 4.98 13.71
C LEU C 25 -8.86 4.32 13.75
N GLY C 26 -8.23 4.21 12.60
CA GLY C 26 -7.00 3.46 12.47
C GLY C 26 -7.23 2.11 11.83
N GLY C 27 -6.57 1.88 10.70
CA GLY C 27 -6.65 0.62 9.98
C GLY C 27 -5.35 -0.17 10.07
N GLY C 28 -4.82 -0.30 11.28
CA GLY C 28 -3.69 -1.17 11.56
C GLY C 28 -4.12 -2.49 12.14
N MET C 29 -3.29 -3.03 13.04
CA MET C 29 -3.51 -4.39 13.53
C MET C 29 -4.82 -4.49 14.30
N GLY C 30 -5.03 -3.59 15.29
CA GLY C 30 -6.23 -3.68 16.10
C GLY C 30 -7.47 -3.28 15.34
N GLY C 31 -7.38 -2.20 14.56
CA GLY C 31 -8.54 -1.70 13.85
C GLY C 31 -9.05 -2.67 12.80
N LEU C 32 -8.15 -3.34 12.09
CA LEU C 32 -8.61 -4.30 11.08
C LEU C 32 -9.18 -5.58 11.71
N SER C 33 -8.67 -6.00 12.87
CA SER C 33 -9.35 -7.08 13.60
C SER C 33 -10.77 -6.65 13.95
N ALA C 34 -10.92 -5.45 14.50
CA ALA C 34 -12.26 -4.97 14.83
C ALA C 34 -13.15 -4.94 13.62
N ALA C 35 -12.61 -4.50 12.48
CA ALA C 35 -13.42 -4.35 11.28
C ALA C 35 -13.85 -5.71 10.74
N ILE C 36 -12.97 -6.70 10.78
CA ILE C 36 -13.32 -8.04 10.34
C ILE C 36 -14.46 -8.58 11.18
N TYR C 37 -14.37 -8.44 12.50
CA TYR C 37 -15.41 -8.93 13.39
C TYR C 37 -16.70 -8.14 13.20
N LEU C 38 -16.61 -6.81 13.16
CA LEU C 38 -17.82 -5.99 13.00
C LEU C 38 -18.55 -6.38 11.73
N ALA C 39 -17.84 -6.51 10.61
CA ALA C 39 -18.48 -6.91 9.37
C ALA C 39 -19.07 -8.32 9.47
N ARG C 40 -18.38 -9.25 10.12
CA ARG C 40 -18.92 -10.60 10.27
C ARG C 40 -20.02 -10.68 11.32
N TYR C 41 -20.22 -9.62 12.10
CA TYR C 41 -21.40 -9.52 12.92
C TYR C 41 -22.56 -8.88 12.18
N GLY C 42 -22.43 -8.63 10.89
CA GLY C 42 -23.50 -8.01 10.13
C GLY C 42 -23.77 -6.56 10.49
N LEU C 43 -22.76 -5.84 10.97
CA LEU C 43 -22.90 -4.45 11.34
C LEU C 43 -22.27 -3.55 10.28
N LYS C 44 -22.79 -2.34 10.18
CA LYS C 44 -22.30 -1.39 9.19
C LYS C 44 -21.16 -0.61 9.83
N CYS C 45 -19.94 -0.78 9.29
CA CYS C 45 -18.77 -0.18 9.89
C CYS C 45 -17.89 0.46 8.83
N LEU C 46 -17.18 1.51 9.26
CA LEU C 46 -16.27 2.27 8.42
C LEU C 46 -14.91 2.25 9.08
N VAL C 47 -13.87 1.99 8.30
CA VAL C 47 -12.47 2.05 8.76
C VAL C 47 -11.84 3.30 8.15
N VAL C 48 -11.24 4.14 9.00
CA VAL C 48 -10.51 5.33 8.57
C VAL C 48 -9.04 5.07 8.83
N GLU C 49 -8.21 5.16 7.78
CA GLU C 49 -6.80 4.85 7.88
C GLU C 49 -5.98 5.89 7.11
N LYS C 50 -5.00 6.50 7.78
CA LYS C 50 -4.21 7.56 7.16
C LYS C 50 -3.03 7.05 6.35
N GLY C 51 -2.55 5.84 6.65
CA GLY C 51 -1.38 5.26 6.01
C GLY C 51 -0.11 5.50 6.82
N ARG C 52 0.88 4.66 6.57
CA ARG C 52 2.24 4.88 7.09
C ARG C 52 2.27 4.86 8.62
N GLY C 53 1.53 3.95 9.22
CA GLY C 53 1.54 3.81 10.65
C GLY C 53 2.66 2.95 11.16
N ARG C 54 2.64 2.75 12.48
CA ARG C 54 3.71 2.02 13.14
C ARG C 54 3.89 0.62 12.53
N SER C 55 2.82 -0.15 12.42
CA SER C 55 2.97 -1.51 11.91
C SER C 55 3.43 -1.53 10.46
N PHE C 56 3.24 -0.45 9.73
CA PHE C 56 3.71 -0.36 8.35
C PHE C 56 5.22 -0.39 8.28
N TRP C 57 5.91 0.01 9.35
CA TRP C 57 7.38 0.04 9.40
C TRP C 57 7.97 -1.20 10.05
N MET C 58 7.14 -2.11 10.52
CA MET C 58 7.58 -3.41 11.03
C MET C 58 7.97 -4.30 9.86
N GLN C 59 9.25 -4.64 9.77
CA GLN C 59 9.76 -5.46 8.69
C GLN C 59 9.60 -6.94 8.92
N ASP C 60 9.57 -7.38 10.19
CA ASP C 60 9.55 -8.80 10.55
C ASP C 60 8.73 -8.94 11.81
N LEU C 61 7.49 -9.42 11.68
CA LEU C 61 6.68 -9.77 12.83
C LEU C 61 7.17 -11.11 13.37
N ARG C 62 7.86 -11.09 14.50
CA ARG C 62 8.68 -12.19 14.96
C ARG C 62 7.93 -13.27 15.74
N ASN C 63 6.76 -12.97 16.30
CA ASN C 63 6.27 -13.74 17.44
C ASN C 63 4.75 -13.89 17.46
N TYR C 64 4.13 -13.97 16.28
CA TYR C 64 2.67 -13.97 16.14
C TYR C 64 2.22 -15.31 15.57
N VAL C 65 1.41 -16.03 16.35
CA VAL C 65 0.95 -17.36 15.97
C VAL C 65 0.38 -17.33 14.56
N GLY C 66 0.86 -18.23 13.72
CA GLY C 66 0.32 -18.42 12.39
C GLY C 66 1.13 -17.78 11.28
N LEU C 67 1.98 -16.80 11.58
CA LEU C 67 2.69 -16.05 10.56
C LEU C 67 4.18 -16.31 10.63
N ASP C 68 4.80 -16.47 9.46
CA ASP C 68 6.24 -16.61 9.39
C ASP C 68 6.92 -15.42 10.06
N PRO C 69 8.03 -15.63 10.76
CA PRO C 69 8.64 -14.54 11.53
C PRO C 69 9.33 -13.48 10.67
N ASP C 70 9.32 -13.60 9.35
CA ASP C 70 9.85 -12.55 8.49
C ASP C 70 8.73 -11.80 7.76
N THR C 71 7.51 -11.89 8.27
CA THR C 71 6.38 -11.24 7.64
C THR C 71 6.39 -9.74 7.94
N PRO C 72 6.38 -8.87 6.93
CA PRO C 72 6.30 -7.45 7.23
C PRO C 72 4.88 -7.01 7.52
N GLY C 73 4.77 -6.00 8.37
CA GLY C 73 3.46 -5.48 8.73
C GLY C 73 2.65 -5.02 7.53
N ARG C 74 3.32 -4.46 6.52
CA ARG C 74 2.57 -3.98 5.38
C ARG C 74 1.86 -5.11 4.65
N ASP C 75 2.42 -6.32 4.67
CA ASP C 75 1.74 -7.46 4.04
C ASP C 75 0.50 -7.85 4.83
N ILE C 76 0.58 -7.76 6.16
CA ILE C 76 -0.58 -8.06 7.01
C ILE C 76 -1.68 -7.02 6.81
N ILE C 77 -1.29 -5.75 6.75
CA ILE C 77 -2.27 -4.69 6.51
C ILE C 77 -2.98 -4.95 5.20
N THR C 78 -2.23 -5.25 4.15
CA THR C 78 -2.86 -5.51 2.86
C THR C 78 -3.82 -6.70 2.95
N HIS C 79 -3.36 -7.79 3.59
CA HIS C 79 -4.18 -8.98 3.71
C HIS C 79 -5.47 -8.71 4.50
N SER C 80 -5.33 -8.06 5.66
CA SER C 80 -6.48 -7.85 6.54
C SER C 80 -7.43 -6.78 6.01
N THR C 81 -6.92 -5.78 5.29
CA THR C 81 -7.80 -4.79 4.67
C THR C 81 -8.70 -5.46 3.64
N GLN C 82 -8.12 -6.33 2.82
CA GLN C 82 -8.91 -7.07 1.84
C GLN C 82 -9.96 -7.97 2.50
N GLN C 83 -9.59 -8.65 3.59
CA GLN C 83 -10.57 -9.47 4.29
C GLN C 83 -11.70 -8.61 4.84
N ALA C 84 -11.36 -7.50 5.50
CA ALA C 84 -12.38 -6.62 6.05
C ALA C 84 -13.34 -6.14 4.97
N LEU C 85 -12.81 -5.71 3.82
CA LEU C 85 -13.69 -5.30 2.73
C LEU C 85 -14.52 -6.47 2.21
N HIS C 86 -13.92 -7.66 2.15
CA HIS C 86 -14.63 -8.85 1.69
C HIS C 86 -15.85 -9.13 2.55
N TRP C 87 -15.73 -8.98 3.87
CA TRP C 87 -16.86 -9.27 4.75
C TRP C 87 -17.88 -8.14 4.78
N GLY C 88 -17.52 -6.95 4.31
CA GLY C 88 -18.48 -5.87 4.17
C GLY C 88 -18.12 -4.54 4.82
N ALA C 89 -16.94 -4.43 5.40
CA ALA C 89 -16.53 -3.13 5.93
C ALA C 89 -16.24 -2.15 4.79
N ASP C 90 -16.41 -0.87 5.10
CA ASP C 90 -16.04 0.22 4.21
C ASP C 90 -14.72 0.81 4.69
N LEU C 91 -13.89 1.23 3.74
CA LEU C 91 -12.58 1.80 4.02
C LEU C 91 -12.51 3.23 3.48
N LEU C 92 -12.06 4.15 4.31
CA LEU C 92 -11.83 5.53 3.91
C LEU C 92 -10.37 5.84 4.22
N ARG C 93 -9.63 6.23 3.20
CA ARG C 93 -8.26 6.69 3.41
C ARG C 93 -8.36 8.16 3.79
N GLY C 94 -8.00 8.46 5.02
CA GLY C 94 -8.15 9.80 5.56
C GLY C 94 -7.56 9.86 6.96
N TYR C 95 -7.58 11.07 7.49
CA TYR C 95 -6.95 11.39 8.77
C TYR C 95 -8.02 11.88 9.72
N VAL C 96 -8.23 11.16 10.81
CA VAL C 96 -9.26 11.56 11.76
C VAL C 96 -8.79 12.81 12.49
N GLU C 97 -9.64 13.84 12.48
CA GLU C 97 -9.36 15.13 13.10
C GLU C 97 -10.08 15.32 14.42
N ASP C 98 -11.28 14.80 14.58
CA ASP C 98 -12.04 15.13 15.77
C ASP C 98 -13.20 14.17 15.94
N VAL C 99 -13.51 13.89 17.21
CA VAL C 99 -14.68 13.11 17.59
C VAL C 99 -15.47 13.92 18.62
N THR C 100 -16.77 14.09 18.39
CA THR C 100 -17.61 14.87 19.29
C THR C 100 -18.75 13.99 19.78
N ASP C 101 -19.08 14.12 21.06
CA ASP C 101 -20.16 13.36 21.66
C ASP C 101 -21.47 14.09 21.37
N GLU C 102 -22.40 13.41 20.69
CA GLU C 102 -23.70 13.99 20.37
C GLU C 102 -24.85 13.23 21.02
N GLY C 103 -24.60 12.58 22.15
CA GLY C 103 -25.67 11.90 22.87
C GLY C 103 -25.76 10.43 22.49
N ASP C 104 -26.77 10.08 21.69
CA ASP C 104 -26.95 8.71 21.24
C ASP C 104 -26.02 8.33 20.10
N THR C 105 -25.31 9.31 19.55
CA THR C 105 -24.34 9.06 18.50
C THR C 105 -23.13 9.96 18.71
N LEU C 106 -22.06 9.61 18.01
CA LEU C 106 -20.84 10.38 17.97
C LEU C 106 -20.64 10.86 16.54
N ALA C 107 -20.00 12.02 16.40
CA ALA C 107 -19.67 12.60 15.11
C ALA C 107 -18.17 12.56 14.91
N VAL C 108 -17.74 12.09 13.75
CA VAL C 108 -16.32 11.87 13.44
C VAL C 108 -15.97 12.69 12.20
N LYS C 109 -15.10 13.68 12.37
CA LYS C 109 -14.62 14.49 11.26
C LYS C 109 -13.28 13.96 10.76
N VAL C 110 -13.20 13.78 9.45
CA VAL C 110 -12.08 13.14 8.78
C VAL C 110 -11.54 14.08 7.71
N LYS C 111 -10.23 14.29 7.70
CA LYS C 111 -9.56 15.00 6.62
C LYS C 111 -9.25 14.02 5.49
N VAL C 112 -9.81 14.28 4.32
CA VAL C 112 -9.73 13.41 3.16
C VAL C 112 -8.95 14.12 2.07
N GLY C 113 -7.83 13.53 1.68
CA GLY C 113 -6.92 14.17 0.76
C GLY C 113 -5.85 14.88 1.56
N LYS C 114 -4.59 14.58 1.26
CA LYS C 114 -3.49 15.23 1.97
C LYS C 114 -3.40 16.70 1.60
N LYS C 115 -3.79 17.05 0.38
CA LYS C 115 -3.94 18.43 -0.07
C LYS C 115 -5.36 18.64 -0.59
N ASP C 116 -5.74 19.91 -0.73
CA ASP C 116 -7.08 20.28 -1.19
C ASP C 116 -8.12 19.46 -0.43
N SER C 117 -8.04 19.50 0.89
CA SER C 117 -8.73 18.53 1.72
C SER C 117 -10.22 18.81 1.88
N LEU C 118 -10.99 17.73 1.91
CA LEU C 118 -12.37 17.74 2.36
C LEU C 118 -12.39 17.28 3.82
N TYR C 119 -13.42 17.70 4.54
CA TYR C 119 -13.56 17.38 5.95
C TYR C 119 -14.97 16.84 6.20
N PRO C 120 -15.29 15.67 5.62
CA PRO C 120 -16.60 15.06 5.90
C PRO C 120 -16.77 14.70 7.37
N ILE C 121 -18.01 14.81 7.84
CA ILE C 121 -18.38 14.40 9.19
C ILE C 121 -19.32 13.21 9.09
N PHE C 122 -18.95 12.11 9.76
CA PHE C 122 -19.71 10.87 9.79
C PHE C 122 -20.35 10.69 11.16
N ARG C 123 -21.54 10.09 11.19
CA ARG C 123 -22.24 9.80 12.44
C ARG C 123 -22.22 8.31 12.73
N THR C 124 -22.08 7.95 14.00
CA THR C 124 -21.95 6.54 14.36
C THR C 124 -22.43 6.32 15.79
N LYS C 125 -22.90 5.11 16.03
CA LYS C 125 -23.29 4.69 17.39
C LYS C 125 -22.04 4.48 18.30
N TYR C 126 -20.94 4.01 17.71
CA TYR C 126 -19.77 3.63 18.48
C TYR C 126 -18.51 4.03 17.73
N VAL C 127 -17.48 4.35 18.50
CA VAL C 127 -16.15 4.66 17.98
C VAL C 127 -15.15 3.68 18.58
N ILE C 128 -14.28 3.14 17.74
CA ILE C 128 -13.18 2.31 18.19
C ILE C 128 -11.91 3.08 17.88
N ALA C 129 -11.23 3.54 18.92
CA ALA C 129 -9.98 4.29 18.80
C ALA C 129 -8.83 3.28 18.67
N ALA C 130 -8.26 3.19 17.47
CA ALA C 130 -7.28 2.17 17.12
C ALA C 130 -6.13 2.80 16.35
N THR C 131 -5.75 4.01 16.73
CA THR C 131 -4.78 4.79 15.97
C THR C 131 -3.38 4.66 16.50
N GLY C 132 -3.22 3.99 17.64
CA GLY C 132 -1.88 3.65 18.10
C GLY C 132 -0.95 4.84 18.31
N ILE C 133 0.35 4.56 18.09
CA ILE C 133 1.45 5.46 18.39
C ILE C 133 2.46 5.36 17.25
N ILE C 134 3.49 6.20 17.29
CA ILE C 134 4.66 6.04 16.42
C ILE C 134 5.90 6.40 17.23
N ASP C 135 6.92 5.56 17.14
CA ASP C 135 8.15 5.76 17.90
C ASP C 135 8.91 6.97 17.37
N ASN C 136 9.47 7.78 18.28
CA ASN C 136 10.41 8.81 17.89
C ASN C 136 11.72 8.16 17.42
N LEU C 137 12.29 8.73 16.35
CA LEU C 137 13.57 8.26 15.82
C LEU C 137 14.65 9.32 16.04
N PRO C 138 15.90 8.91 16.16
CA PRO C 138 16.97 9.90 16.26
C PRO C 138 17.03 10.75 15.00
N GLN C 139 17.05 12.06 15.18
CA GLN C 139 16.99 12.98 14.07
C GLN C 139 18.40 13.28 13.57
N LEU C 140 18.64 12.89 12.32
CA LEU C 140 19.86 13.18 11.58
C LEU C 140 19.51 14.05 10.38
N GLU C 141 20.51 14.76 9.85
CA GLU C 141 20.28 15.58 8.66
C GLU C 141 19.69 14.75 7.52
N ASP C 142 20.24 13.56 7.26
CA ASP C 142 19.73 12.65 6.23
C ASP C 142 18.99 11.50 6.91
N MET C 143 17.67 11.63 7.04
CA MET C 143 16.90 10.63 7.75
C MET C 143 16.88 9.28 7.04
N GLN C 144 17.19 9.23 5.74
CA GLN C 144 17.22 7.93 5.07
C GLN C 144 18.30 7.04 5.68
N ASN C 145 19.36 7.64 6.23
CA ASN C 145 20.39 6.85 6.88
C ASN C 145 19.84 6.12 8.11
N VAL C 146 18.89 6.73 8.81
CA VAL C 146 18.21 6.09 9.93
C VAL C 146 17.21 5.06 9.42
N TYR C 147 16.41 5.42 8.40
CA TYR C 147 15.38 4.53 7.88
C TYR C 147 15.97 3.24 7.31
N ASP C 148 17.22 3.29 6.82
CA ASP C 148 17.84 2.11 6.26
C ASP C 148 18.06 1.01 7.29
N TYR C 149 18.08 1.35 8.58
CA TYR C 149 18.31 0.36 9.63
C TYR C 149 17.16 0.25 10.62
N ALA C 150 16.37 1.30 10.80
CA ALA C 150 15.28 1.28 11.76
C ALA C 150 14.21 0.29 11.34
N GLY C 151 13.95 -0.69 12.21
CA GLY C 151 13.03 -1.77 11.92
C GLY C 151 13.68 -2.98 11.29
N TYR C 152 14.96 -2.89 10.94
CA TYR C 152 15.70 -4.00 10.37
C TYR C 152 16.62 -4.58 11.45
N THR C 153 17.76 -3.93 11.68
CA THR C 153 18.65 -4.31 12.77
C THR C 153 18.74 -3.25 13.87
N LEU C 154 18.15 -2.07 13.67
CA LEU C 154 18.00 -1.06 14.70
C LEU C 154 16.55 -1.06 15.16
N HIS C 155 16.30 -1.58 16.35
CA HIS C 155 14.96 -1.93 16.80
C HIS C 155 14.34 -0.80 17.63
N VAL C 156 13.02 -0.85 17.73
CA VAL C 156 12.29 0.12 18.53
C VAL C 156 11.53 -0.59 19.66
N CYS C 157 11.41 -1.85 19.59
CA CYS C 157 10.72 -2.61 20.65
C CYS C 157 11.62 -3.72 21.19
N MET C 158 11.80 -3.51 22.48
CA MET C 158 12.70 -4.51 23.06
C MET C 158 12.09 -5.96 23.12
N ILE C 159 10.87 -6.06 23.62
CA ILE C 159 10.22 -7.39 23.67
C ILE C 159 10.02 -8.01 22.22
N CYS C 160 9.70 -7.17 21.25
CA CYS C 160 9.48 -7.69 19.88
C CYS C 160 10.78 -8.35 19.23
N ASP C 161 11.92 -7.66 19.43
CA ASP C 161 13.24 -8.07 18.89
C ASP C 161 14.38 -8.41 19.89
N GLY C 162 14.10 -8.57 21.18
CA GLY C 162 15.12 -8.81 22.17
C GLY C 162 15.92 -10.10 21.91
N PHE C 163 15.19 -11.12 21.52
CA PHE C 163 15.83 -12.43 21.21
C PHE C 163 16.88 -12.28 20.02
N ASP C 164 16.56 -11.42 19.07
CA ASP C 164 17.42 -11.23 17.87
C ASP C 164 18.73 -10.45 18.14
N MET C 165 18.81 -9.83 19.32
CA MET C 165 20.02 -9.03 19.75
C MET C 165 20.81 -9.85 20.79
N TRP C 166 20.51 -11.14 20.95
CA TRP C 166 21.12 -11.85 22.13
C TRP C 166 22.69 -11.82 22.05
N ASP C 167 23.39 -11.33 23.08
CA ASP C 167 24.85 -11.28 23.13
C ASP C 167 25.49 -10.52 21.98
N GLN C 168 24.78 -9.58 21.36
CA GLN C 168 25.44 -8.77 20.34
C GLN C 168 25.92 -7.44 20.89
N LYS C 169 26.90 -6.87 20.21
CA LYS C 169 27.27 -5.49 20.48
C LYS C 169 26.12 -4.58 20.06
N ALA C 170 25.59 -3.82 20.99
CA ALA C 170 24.36 -3.09 20.80
C ALA C 170 24.53 -1.64 21.23
N VAL C 171 23.75 -0.74 20.62
CA VAL C 171 23.64 0.63 21.09
C VAL C 171 22.23 0.85 21.61
N LEU C 172 22.14 1.56 22.73
CA LEU C 172 20.89 2.07 23.26
C LEU C 172 20.86 3.57 23.00
N ILE C 173 19.89 4.01 22.20
CA ILE C 173 19.74 5.42 21.87
C ILE C 173 18.60 5.98 22.71
N ALA C 174 18.94 6.84 23.67
CA ALA C 174 18.01 7.32 24.68
C ALA C 174 18.24 8.81 24.92
N GLY C 175 17.16 9.57 25.00
CA GLY C 175 17.30 11.02 25.06
C GLY C 175 17.13 11.65 26.43
N THR C 176 16.72 10.85 27.41
CA THR C 176 16.53 11.34 28.78
C THR C 176 17.09 10.27 29.70
N GLU C 177 17.33 10.64 30.96
CA GLU C 177 17.78 9.64 31.92
C GLU C 177 16.70 8.58 32.15
N GLY C 178 15.44 8.99 32.14
CA GLY C 178 14.38 8.00 32.21
C GLY C 178 14.46 6.98 31.09
N GLN C 179 14.88 7.43 29.91
CA GLN C 179 15.00 6.54 28.77
C GLN C 179 16.25 5.69 28.84
N ILE C 180 17.30 6.19 29.51
CA ILE C 180 18.49 5.39 29.72
C ILE C 180 18.22 4.22 30.65
N ASN C 181 17.20 4.31 31.52
CA ASN C 181 16.84 3.21 32.39
C ASN C 181 16.67 1.90 31.61
N ALA C 182 16.32 1.99 30.33
CA ALA C 182 16.12 0.79 29.53
C ALA C 182 17.39 -0.03 29.40
N ALA C 183 18.57 0.58 29.63
CA ALA C 183 19.79 -0.20 29.60
C ALA C 183 19.76 -1.34 30.60
N PHE C 184 19.07 -1.14 31.71
CA PHE C 184 19.03 -2.11 32.80
C PHE C 184 17.90 -3.11 32.65
N VAL C 185 17.22 -3.08 31.52
CA VAL C 185 16.33 -4.14 31.09
C VAL C 185 16.89 -4.87 29.88
N LEU C 186 17.39 -4.09 28.90
CA LEU C 186 18.02 -4.63 27.71
C LEU C 186 19.17 -5.58 28.02
N ASN C 187 19.89 -5.36 29.15
CA ASN C 187 21.03 -6.21 29.48
C ASN C 187 20.62 -7.66 29.73
N TRP C 188 19.33 -7.93 29.98
CA TRP C 188 18.83 -9.29 29.99
C TRP C 188 19.22 -10.01 28.71
N PHE C 189 19.06 -9.34 27.56
CA PHE C 189 19.34 -9.93 26.26
C PHE C 189 20.81 -9.85 25.86
N THR C 190 21.47 -8.73 26.14
CA THR C 190 22.87 -8.56 25.84
C THR C 190 23.51 -7.60 26.83
N PRO C 191 24.65 -7.98 27.44
CA PRO C 191 25.37 -7.04 28.30
C PRO C 191 26.22 -6.03 27.55
N TYR C 192 26.41 -6.20 26.24
CA TYR C 192 27.40 -5.41 25.50
C TYR C 192 26.77 -4.12 24.98
N ILE C 193 26.31 -3.31 25.94
CA ILE C 193 25.49 -2.13 25.65
C ILE C 193 26.36 -0.89 25.69
N THR C 194 26.25 -0.07 24.65
CA THR C 194 26.75 1.30 24.64
C THR C 194 25.57 2.26 24.59
N VAL C 195 25.55 3.22 25.51
CA VAL C 195 24.46 4.20 25.56
C VAL C 195 24.86 5.45 24.77
N LEU C 196 23.98 5.86 23.87
CA LEU C 196 24.13 7.08 23.06
C LEU C 196 22.95 7.99 23.36
N THR C 197 23.23 9.20 23.82
CA THR C 197 22.20 10.17 24.12
C THR C 197 21.93 11.12 22.97
N HIS C 198 22.71 11.04 21.89
CA HIS C 198 22.45 11.79 20.66
C HIS C 198 22.49 13.31 20.90
N GLY C 199 23.31 13.74 21.86
CA GLY C 199 23.44 15.13 22.18
C GLY C 199 22.22 15.74 22.84
N LEU C 200 21.29 14.92 23.33
CA LEU C 200 20.02 15.45 23.81
C LEU C 200 20.00 15.75 25.29
N CYS C 201 20.79 15.06 26.11
CA CYS C 201 20.69 15.29 27.53
C CYS C 201 22.05 15.12 28.17
N THR C 202 22.28 15.90 29.23
CA THR C 202 23.47 15.75 30.04
C THR C 202 23.16 14.69 31.08
N VAL C 203 23.95 13.63 31.11
CA VAL C 203 23.67 12.55 32.04
C VAL C 203 24.24 12.93 33.40
N GLY C 204 23.45 12.76 34.44
CA GLY C 204 23.89 13.09 35.78
C GLY C 204 24.92 12.11 36.32
N ASP C 205 25.55 12.53 37.42
CA ASP C 205 26.65 11.76 38.00
C ASP C 205 26.18 10.39 38.50
N GLU C 206 24.99 10.30 39.11
CA GLU C 206 24.54 9.04 39.66
C GLU C 206 24.33 8.01 38.54
N MET C 207 23.66 8.42 37.44
CA MET C 207 23.48 7.52 36.30
C MET C 207 24.82 7.20 35.63
N LYS C 208 25.70 8.19 35.47
CA LYS C 208 27.00 7.92 34.88
C LYS C 208 27.74 6.85 35.68
N ALA C 209 27.68 6.94 37.01
CA ALA C 209 28.40 5.98 37.85
C ALA C 209 27.79 4.59 37.73
N LYS C 210 26.47 4.50 37.61
CA LYS C 210 25.83 3.20 37.49
C LYS C 210 26.16 2.55 36.15
N LEU C 211 26.15 3.34 35.07
CA LEU C 211 26.57 2.82 33.78
C LEU C 211 28.02 2.34 33.82
N ALA C 212 28.91 3.12 34.44
CA ALA C 212 30.31 2.72 34.52
C ALA C 212 30.48 1.44 35.32
N ASP C 213 29.75 1.32 36.44
CA ASP C 213 29.82 0.11 37.24
C ASP C 213 29.31 -1.11 36.49
N HIS C 214 28.35 -0.93 35.58
CA HIS C 214 27.85 -2.04 34.78
C HIS C 214 28.69 -2.29 33.54
N GLY C 215 29.65 -1.40 33.25
CA GLY C 215 30.49 -1.54 32.07
C GLY C 215 29.87 -1.10 30.77
N TYR C 216 28.79 -0.31 30.80
CA TYR C 216 28.16 0.14 29.57
C TYR C 216 28.74 1.51 29.21
N PRO C 217 29.52 1.63 28.14
CA PRO C 217 30.10 2.94 27.80
C PRO C 217 29.02 3.94 27.46
N LEU C 218 29.29 5.21 27.74
CA LEU C 218 28.35 6.30 27.48
C LEU C 218 29.00 7.30 26.52
N HIS C 219 28.29 7.67 25.47
CA HIS C 219 28.73 8.73 24.55
C HIS C 219 27.58 9.71 24.38
N GLU C 220 27.85 10.98 24.66
CA GLU C 220 26.80 12.01 24.66
C GLU C 220 26.80 12.88 23.40
N ALA C 221 27.77 12.72 22.50
CA ALA C 221 27.80 13.53 21.29
C ALA C 221 26.75 13.09 20.28
N ALA C 222 26.27 14.04 19.48
CA ALA C 222 25.25 13.73 18.48
C ALA C 222 25.72 12.64 17.51
N ILE C 223 24.80 11.74 17.16
CA ILE C 223 25.02 10.75 16.10
C ILE C 223 25.01 11.46 14.76
N THR C 224 25.98 11.13 13.90
CA THR C 224 25.99 11.67 12.56
C THR C 224 25.80 10.62 11.46
N LYS C 225 26.07 9.33 11.72
CA LYS C 225 25.90 8.33 10.66
C LYS C 225 25.83 6.94 11.25
N PHE C 226 24.90 6.14 10.72
CA PHE C 226 24.85 4.70 10.96
C PHE C 226 25.59 4.00 9.83
N LEU C 227 26.50 3.10 10.18
CA LEU C 227 27.28 2.35 9.22
C LEU C 227 26.69 0.96 9.03
N GLY C 228 26.83 0.43 7.82
CA GLY C 228 26.37 -0.91 7.53
C GLY C 228 26.08 -1.08 6.06
N GLU C 229 25.43 -2.20 5.75
CA GLU C 229 25.04 -2.51 4.38
C GLU C 229 23.87 -3.50 4.42
N ASP C 230 23.02 -3.41 3.40
CA ASP C 230 21.87 -4.31 3.26
C ASP C 230 21.02 -4.33 4.53
N HIS C 231 20.83 -3.15 5.13
CA HIS C 231 20.01 -2.96 6.33
C HIS C 231 20.60 -3.60 7.57
N LYS C 232 21.87 -4.02 7.54
CA LYS C 232 22.55 -4.65 8.67
C LYS C 232 23.57 -3.66 9.24
N MET C 233 23.28 -3.12 10.42
CA MET C 233 24.21 -2.20 11.07
C MET C 233 25.55 -2.87 11.28
N SER C 234 26.61 -2.08 11.15
CA SER C 234 27.93 -2.47 11.56
C SER C 234 28.54 -1.50 12.56
N GLY C 235 28.02 -0.29 12.69
CA GLY C 235 28.56 0.65 13.64
C GLY C 235 27.87 1.99 13.56
N VAL C 236 28.38 2.93 14.36
CA VAL C 236 27.81 4.26 14.51
C VAL C 236 28.96 5.27 14.59
N GLU C 237 28.78 6.43 13.95
CA GLU C 237 29.72 7.54 14.02
C GLU C 237 29.02 8.73 14.68
N LEU C 238 29.76 9.44 15.53
CA LEU C 238 29.27 10.63 16.23
C LEU C 238 30.00 11.87 15.74
N VAL C 239 29.38 13.02 15.98
CA VAL C 239 29.91 14.28 15.46
C VAL C 239 31.26 14.64 16.07
N ASP C 240 31.59 14.14 17.26
CA ASP C 240 32.89 14.44 17.86
C ASP C 240 34.00 13.50 17.37
N GLY C 241 33.71 12.67 16.36
CA GLY C 241 34.68 11.76 15.80
C GLY C 241 34.62 10.34 16.36
N THR C 242 33.87 10.11 17.43
CA THR C 242 33.76 8.76 17.98
C THR C 242 33.18 7.80 16.95
N VAL C 243 33.83 6.63 16.82
CA VAL C 243 33.30 5.53 16.02
C VAL C 243 33.24 4.28 16.89
N MET C 244 32.18 3.50 16.72
CA MET C 244 32.00 2.29 17.51
C MET C 244 31.43 1.18 16.64
N GLU C 245 31.68 -0.05 17.06
CA GLU C 245 31.13 -1.23 16.41
C GLU C 245 29.84 -1.63 17.11
N ALA C 246 28.81 -1.94 16.33
CA ALA C 246 27.55 -2.42 16.85
C ALA C 246 26.79 -3.07 15.71
N THR C 247 26.21 -4.25 15.97
CA THR C 247 25.44 -4.95 14.96
C THR C 247 23.94 -4.82 15.20
N THR C 248 23.53 -4.13 16.25
CA THR C 248 22.12 -3.97 16.54
C THR C 248 21.99 -2.82 17.53
N GLY C 249 20.75 -2.42 17.80
CA GLY C 249 20.52 -1.35 18.74
C GLY C 249 19.05 -1.29 19.08
N LEU C 250 18.76 -0.52 20.13
CA LEU C 250 17.39 -0.23 20.54
C LEU C 250 17.23 1.27 20.64
N ILE C 251 16.22 1.78 19.95
CA ILE C 251 15.83 3.19 20.07
C ILE C 251 14.83 3.31 21.20
N ASN C 252 15.15 4.09 22.24
CA ASN C 252 14.22 4.33 23.33
C ASN C 252 14.11 5.84 23.54
N MET C 253 13.41 6.51 22.63
CA MET C 253 13.33 7.95 22.64
C MET C 253 11.90 8.46 22.79
N GLY C 254 10.99 7.61 23.26
CA GLY C 254 9.61 8.01 23.43
C GLY C 254 8.80 7.81 22.17
N SER C 255 7.53 8.20 22.27
CA SER C 255 6.56 7.97 21.21
C SER C 255 5.67 9.19 21.03
N VAL C 256 5.06 9.27 19.85
CA VAL C 256 3.97 10.20 19.62
C VAL C 256 2.69 9.39 19.73
N TYR C 257 1.74 9.87 20.54
CA TYR C 257 0.48 9.17 20.73
C TYR C 257 -0.56 9.78 19.80
N HIS C 258 -1.23 8.94 19.03
CA HIS C 258 -2.24 9.41 18.07
C HIS C 258 -3.59 9.46 18.77
N ASN C 259 -3.77 10.52 19.56
CA ASN C 259 -4.94 10.62 20.43
C ASN C 259 -5.57 12.01 20.42
N HIS C 260 -5.13 12.91 19.54
CA HIS C 260 -5.54 14.30 19.63
C HIS C 260 -7.04 14.45 19.43
N TYR C 261 -7.64 13.61 18.60
CA TYR C 261 -9.05 13.76 18.24
C TYR C 261 -9.98 13.41 19.38
N LEU C 262 -9.47 12.89 20.51
CA LEU C 262 -10.29 12.54 21.67
C LEU C 262 -10.14 13.49 22.85
N LYS C 263 -9.23 14.46 22.78
CA LYS C 263 -8.93 15.26 23.96
C LYS C 263 -10.09 16.15 24.39
N GLY C 264 -11.07 16.39 23.52
CA GLY C 264 -12.24 17.18 23.88
C GLY C 264 -13.41 16.40 24.44
N ILE C 265 -13.29 15.09 24.62
CA ILE C 265 -14.40 14.24 25.05
C ILE C 265 -14.45 14.23 26.57
N GLU C 266 -15.57 14.66 27.12
CA GLU C 266 -15.78 14.60 28.56
C GLU C 266 -16.12 13.16 28.95
N GLY C 267 -15.61 12.74 30.10
CA GLY C 267 -15.90 11.41 30.62
C GLY C 267 -14.95 10.31 30.20
N LEU C 268 -13.81 10.65 29.58
CA LEU C 268 -12.79 9.68 29.21
C LEU C 268 -11.69 9.68 30.27
N GLU C 269 -11.36 8.50 30.79
CA GLU C 269 -10.29 8.33 31.76
C GLU C 269 -8.98 8.08 31.04
N TRP C 270 -7.97 8.89 31.36
CA TRP C 270 -6.65 8.80 30.75
C TRP C 270 -5.65 8.29 31.77
N ASP C 271 -4.65 7.55 31.29
CA ASP C 271 -3.46 7.21 32.05
C ASP C 271 -2.30 7.78 31.24
N GLY C 272 -1.91 9.00 31.58
CA GLY C 272 -0.99 9.73 30.73
C GLY C 272 -1.64 9.96 29.38
N GLU C 273 -0.95 9.54 28.32
CA GLU C 273 -1.46 9.66 26.97
C GLU C 273 -2.29 8.45 26.53
N ASN C 274 -2.38 7.41 27.36
CA ASN C 274 -3.14 6.19 27.07
C ASN C 274 -4.55 6.27 27.63
N LEU C 275 -5.44 5.49 27.03
CA LEU C 275 -6.81 5.38 27.51
C LEU C 275 -6.96 4.15 28.41
N VAL C 276 -7.64 4.32 29.54
CA VAL C 276 -7.92 3.23 30.45
C VAL C 276 -9.14 2.46 29.97
N THR C 277 -9.04 1.14 29.86
CA THR C 277 -10.14 0.31 29.37
C THR C 277 -10.44 -0.83 30.34
N ASN C 278 -11.63 -1.42 30.18
CA ASN C 278 -12.01 -2.60 30.94
C ASN C 278 -11.62 -3.86 30.14
N ASP C 279 -12.17 -5.01 30.52
CA ASP C 279 -11.74 -6.27 29.94
C ASP C 279 -12.41 -6.55 28.60
N MET C 280 -13.23 -5.64 28.11
CA MET C 280 -13.73 -5.68 26.74
C MET C 280 -13.21 -4.52 25.91
N ALA C 281 -12.13 -3.87 26.34
CA ALA C 281 -11.48 -2.76 25.63
C ALA C 281 -12.35 -1.52 25.56
N GLN C 282 -13.30 -1.38 26.48
CA GLN C 282 -14.15 -0.21 26.54
C GLN C 282 -13.51 0.83 27.45
N THR C 283 -13.51 2.09 26.99
CA THR C 283 -13.09 3.20 27.83
C THR C 283 -14.19 3.48 28.84
N SER C 284 -13.95 4.47 29.69
CA SER C 284 -14.96 4.92 30.62
C SER C 284 -16.14 5.58 29.92
N HIS C 285 -16.03 5.89 28.64
CA HIS C 285 -17.17 6.38 27.87
C HIS C 285 -17.90 5.20 27.22
N PRO C 286 -19.20 5.03 27.43
CA PRO C 286 -19.86 3.80 26.97
C PRO C 286 -19.90 3.62 25.46
N ARG C 287 -19.62 4.64 24.66
CA ARG C 287 -19.64 4.50 23.21
C ARG C 287 -18.25 4.51 22.59
N ILE C 288 -17.20 4.51 23.41
CA ILE C 288 -15.83 4.60 22.91
C ILE C 288 -15.01 3.43 23.44
N PHE C 289 -14.37 2.72 22.51
CA PHE C 289 -13.44 1.64 22.80
C PHE C 289 -12.05 2.07 22.34
N ALA C 290 -11.02 1.49 22.96
CA ALA C 290 -9.63 1.81 22.64
C ALA C 290 -8.81 0.52 22.58
N LEU C 291 -8.00 0.39 21.54
CA LEU C 291 -7.29 -0.87 21.25
C LEU C 291 -5.79 -0.66 21.26
N GLY C 292 -5.08 -1.77 21.46
CA GLY C 292 -3.67 -1.85 21.09
C GLY C 292 -2.79 -0.84 21.77
N ASP C 293 -1.92 -0.21 20.98
CA ASP C 293 -0.89 0.66 21.54
C ASP C 293 -1.49 1.90 22.18
N LEU C 294 -2.72 2.26 21.81
CA LEU C 294 -3.36 3.42 22.39
C LEU C 294 -3.90 3.15 23.79
N LYS C 295 -4.31 1.93 24.08
CA LYS C 295 -4.86 1.67 25.39
C LYS C 295 -3.72 1.37 26.37
N LYS C 296 -4.02 1.52 27.66
CA LYS C 296 -3.06 1.16 28.70
C LYS C 296 -2.87 -0.35 28.68
N GLY C 297 -1.63 -0.79 28.52
CA GLY C 297 -1.35 -2.21 28.43
C GLY C 297 -0.15 -2.46 27.53
N LEU C 298 0.00 -3.72 27.15
CA LEU C 298 1.17 -4.16 26.39
C LEU C 298 1.01 -3.82 24.91
N ASN C 299 2.12 -3.43 24.27
CA ASN C 299 2.11 -3.05 22.85
C ASN C 299 2.68 -4.19 22.03
N GLN C 300 1.78 -5.07 21.55
CA GLN C 300 2.11 -6.18 20.68
C GLN C 300 0.98 -6.36 19.69
N VAL C 301 1.29 -6.98 18.55
CA VAL C 301 0.26 -7.24 17.55
C VAL C 301 -0.85 -8.11 18.12
N SER C 302 -0.49 -9.22 18.79
CA SER C 302 -1.49 -10.15 19.32
C SER C 302 -2.46 -9.43 20.24
N VAL C 303 -1.94 -8.55 21.10
CA VAL C 303 -2.78 -7.83 22.04
C VAL C 303 -3.73 -6.89 21.32
N ALA C 304 -3.22 -6.15 20.32
CA ALA C 304 -4.08 -5.24 19.56
C ALA C 304 -5.16 -6.02 18.82
N VAL C 305 -4.80 -7.17 18.23
CA VAL C 305 -5.78 -7.96 17.48
C VAL C 305 -6.88 -8.46 18.41
N ALA C 306 -6.49 -8.95 19.59
CA ALA C 306 -7.48 -9.43 20.55
C ALA C 306 -8.36 -8.30 21.05
N ASP C 307 -7.79 -7.12 21.28
CA ASP C 307 -8.62 -5.97 21.65
C ASP C 307 -9.70 -5.73 20.64
N GLY C 308 -9.35 -5.78 19.36
CA GLY C 308 -10.35 -5.55 18.32
C GLY C 308 -11.48 -6.55 18.37
N THR C 309 -11.15 -7.84 18.59
CA THR C 309 -12.14 -8.90 18.80
C THR C 309 -13.08 -8.55 19.93
N LEU C 310 -12.53 -8.15 21.07
CA LEU C 310 -13.34 -7.89 22.25
C LEU C 310 -14.24 -6.68 22.06
N ALA C 311 -13.70 -5.58 21.54
CA ALA C 311 -14.49 -4.39 21.34
C ALA C 311 -15.63 -4.67 20.34
N ALA C 312 -15.32 -5.31 19.24
CA ALA C 312 -16.36 -5.57 18.23
C ALA C 312 -17.46 -6.44 18.82
N THR C 313 -17.09 -7.39 19.66
CA THR C 313 -18.06 -8.30 20.27
C THR C 313 -18.96 -7.54 21.25
N GLN C 314 -18.39 -6.64 22.04
CA GLN C 314 -19.22 -5.83 22.94
C GLN C 314 -20.19 -4.94 22.17
N ILE C 315 -19.73 -4.37 21.04
CA ILE C 315 -20.59 -3.50 20.25
C ILE C 315 -21.73 -4.30 19.66
N TRP C 316 -21.42 -5.48 19.12
CA TRP C 316 -22.46 -6.37 18.60
C TRP C 316 -23.45 -6.75 19.69
N ARG C 317 -22.94 -7.13 20.86
CA ARG C 317 -23.82 -7.44 21.97
C ARG C 317 -24.74 -6.26 22.28
N ASN C 318 -24.19 -5.04 22.33
CA ASN C 318 -25.01 -3.88 22.64
C ASN C 318 -26.12 -3.71 21.61
N ILE C 319 -25.76 -3.76 20.33
CA ILE C 319 -26.73 -3.47 19.28
C ILE C 319 -27.76 -4.60 19.16
N ARG C 320 -27.28 -5.84 19.13
CA ARG C 320 -28.20 -6.98 19.05
C ARG C 320 -29.18 -6.97 20.19
N ARG C 321 -28.72 -6.75 21.42
CA ARG C 321 -29.64 -6.79 22.55
C ARG C 321 -30.66 -5.64 22.51
N ALA C 322 -30.38 -4.56 21.79
CA ALA C 322 -31.33 -3.46 21.66
C ALA C 322 -32.28 -3.60 20.48
N SER C 323 -32.11 -4.63 19.64
CA SER C 323 -32.85 -4.75 18.39
C SER C 323 -34.05 -5.68 18.54
N GLU C 324 -34.97 -5.60 17.59
CA GLU C 324 -36.14 -6.46 17.62
C GLU C 324 -35.79 -7.86 17.13
N PRO C 325 -36.30 -8.91 17.77
CA PRO C 325 -36.00 -10.27 17.29
C PRO C 325 -36.43 -10.49 15.86
N ARG C 326 -35.62 -11.25 15.12
CA ARG C 326 -35.95 -11.65 13.75
C ARG C 326 -36.74 -12.97 13.79
N LYS C 327 -38.01 -12.89 13.44
CA LYS C 327 -38.88 -14.06 13.47
C LYS C 327 -39.02 -14.65 12.08
N TRP C 328 -39.45 -15.91 12.05
CA TRP C 328 -39.65 -16.67 10.83
C TRP C 328 -41.14 -16.62 10.52
N ILE C 329 -41.51 -15.91 9.45
CA ILE C 329 -42.88 -15.86 8.95
C ILE C 329 -43.05 -16.96 7.91
N HIS C 330 -44.02 -17.84 8.13
CA HIS C 330 -44.24 -18.98 7.22
C HIS C 330 -45.44 -18.73 6.33
N SER D 9 17.41 -42.01 29.67
CA SER D 9 18.47 -41.54 28.79
C SER D 9 19.03 -40.18 29.27
N LYS D 10 20.15 -39.69 28.72
CA LYS D 10 20.66 -38.35 29.19
C LYS D 10 19.58 -37.23 28.89
N ASN D 11 18.95 -37.22 27.69
CA ASN D 11 17.91 -36.18 27.37
C ASN D 11 16.67 -36.33 28.34
N LEU D 12 16.25 -37.56 28.62
CA LEU D 12 15.08 -37.75 29.54
C LEU D 12 15.47 -37.20 30.93
N ASP D 13 16.61 -37.67 31.43
CA ASP D 13 17.09 -37.18 32.72
C ASP D 13 17.25 -35.67 32.70
N ALA D 14 17.60 -35.10 31.54
CA ALA D 14 17.81 -33.66 31.47
C ALA D 14 16.52 -32.90 31.78
N ARG D 15 15.37 -33.42 31.33
CA ARG D 15 14.10 -32.76 31.63
C ARG D 15 13.76 -32.85 33.11
N LEU D 16 13.99 -34.03 33.71
CA LEU D 16 13.73 -34.20 35.12
C LEU D 16 14.71 -33.41 35.97
N ASP D 17 15.95 -33.27 35.51
CA ASP D 17 16.94 -32.48 36.25
C ASP D 17 16.81 -30.98 36.00
N THR D 18 15.91 -30.57 35.12
CA THR D 18 15.70 -29.16 34.81
C THR D 18 14.67 -28.58 35.75
N VAL D 19 14.93 -27.39 36.27
CA VAL D 19 13.86 -26.62 36.91
C VAL D 19 13.44 -25.60 35.85
N TYR D 20 12.25 -25.79 35.28
CA TYR D 20 11.82 -24.91 34.21
C TYR D 20 11.43 -23.53 34.74
N ASP D 21 11.58 -22.54 33.87
CA ASP D 21 11.00 -21.23 34.16
C ASP D 21 9.49 -21.30 34.07
N ALA D 22 8.98 -22.01 33.07
CA ALA D 22 7.54 -22.16 32.92
C ALA D 22 7.26 -23.47 32.19
N ILE D 23 6.17 -24.14 32.59
CA ILE D 23 5.64 -25.28 31.85
C ILE D 23 4.29 -24.87 31.32
N VAL D 24 4.12 -25.00 30.02
CA VAL D 24 2.90 -24.66 29.32
C VAL D 24 2.09 -25.95 29.15
N LEU D 25 0.90 -25.98 29.73
CA LEU D 25 0.02 -27.14 29.69
C LEU D 25 -0.97 -26.92 28.57
N GLY D 26 -0.80 -27.67 27.49
CA GLY D 26 -1.59 -27.46 26.30
C GLY D 26 -0.81 -26.75 25.21
N GLY D 27 -0.66 -27.42 24.07
CA GLY D 27 0.03 -26.84 22.94
C GLY D 27 -0.90 -26.47 21.81
N GLY D 28 -1.98 -25.79 22.14
CA GLY D 28 -2.85 -25.21 21.13
C GLY D 28 -2.56 -23.74 20.90
N MET D 29 -3.61 -22.97 20.65
CA MET D 29 -3.41 -21.58 20.24
C MET D 29 -2.74 -20.75 21.33
N GLY D 30 -3.27 -20.78 22.55
CA GLY D 30 -2.71 -19.94 23.59
C GLY D 30 -1.37 -20.45 24.07
N GLY D 31 -1.25 -21.77 24.21
CA GLY D 31 -0.03 -22.37 24.71
C GLY D 31 1.15 -22.15 23.80
N LEU D 32 0.94 -22.26 22.48
CA LEU D 32 2.08 -22.06 21.58
C LEU D 32 2.47 -20.59 21.49
N SER D 33 1.50 -19.65 21.63
CA SER D 33 1.88 -18.24 21.74
C SER D 33 2.75 -18.02 22.96
N ALA D 34 2.35 -18.59 24.10
CA ALA D 34 3.15 -18.44 25.30
C ALA D 34 4.54 -19.02 25.12
N ALA D 35 4.65 -20.18 24.48
CA ALA D 35 5.94 -20.85 24.31
C ALA D 35 6.84 -20.05 23.37
N ILE D 36 6.28 -19.50 22.30
CA ILE D 36 7.05 -18.65 21.41
C ILE D 36 7.64 -17.46 22.17
N TYR D 37 6.80 -16.80 22.97
CA TYR D 37 7.28 -15.65 23.74
C TYR D 37 8.26 -16.09 24.83
N LEU D 38 7.94 -17.18 25.55
CA LEU D 38 8.86 -17.61 26.61
C LEU D 38 10.25 -17.92 26.05
N ALA D 39 10.30 -18.63 24.93
CA ALA D 39 11.61 -18.95 24.34
C ALA D 39 12.31 -17.68 23.85
N ARG D 40 11.56 -16.73 23.26
CA ARG D 40 12.17 -15.49 22.79
C ARG D 40 12.52 -14.52 23.93
N TYR D 41 12.09 -14.81 25.16
CA TYR D 41 12.60 -14.14 26.36
C TYR D 41 13.82 -14.85 26.93
N GLY D 42 14.32 -15.89 26.27
CA GLY D 42 15.46 -16.62 26.79
C GLY D 42 15.15 -17.43 28.03
N LEU D 43 13.93 -17.90 28.18
CA LEU D 43 13.50 -18.69 29.33
C LEU D 43 13.39 -20.17 28.96
N LYS D 44 13.52 -21.01 29.97
CA LYS D 44 13.45 -22.46 29.79
C LYS D 44 12.00 -22.89 29.95
N CYS D 45 11.40 -23.38 28.87
CA CYS D 45 10.00 -23.76 28.97
C CYS D 45 9.79 -25.11 28.29
N LEU D 46 8.81 -25.84 28.82
CA LEU D 46 8.38 -27.14 28.34
C LEU D 46 6.92 -27.01 27.98
N VAL D 47 6.52 -27.49 26.80
CA VAL D 47 5.12 -27.51 26.37
C VAL D 47 4.63 -28.95 26.39
N VAL D 48 3.52 -29.21 27.09
CA VAL D 48 2.94 -30.54 27.17
C VAL D 48 1.64 -30.52 26.38
N GLU D 49 1.56 -31.39 25.38
CA GLU D 49 0.42 -31.40 24.45
C GLU D 49 -0.02 -32.83 24.19
N LYS D 50 -1.31 -33.10 24.41
CA LYS D 50 -1.83 -34.44 24.25
C LYS D 50 -2.18 -34.77 22.81
N GLY D 51 -2.46 -33.75 21.99
CA GLY D 51 -2.88 -33.88 20.61
C GLY D 51 -4.40 -33.84 20.46
N ARG D 52 -4.85 -33.44 19.27
CA ARG D 52 -6.26 -33.54 18.87
C ARG D 52 -7.18 -32.76 19.81
N GLY D 53 -6.81 -31.51 20.08
CA GLY D 53 -7.62 -30.60 20.86
C GLY D 53 -8.66 -29.87 20.05
N ARG D 54 -9.33 -28.92 20.71
CA ARG D 54 -10.43 -28.18 20.08
C ARG D 54 -9.99 -27.51 18.78
N SER D 55 -8.89 -26.74 18.81
CA SER D 55 -8.44 -26.04 17.60
C SER D 55 -8.05 -27.00 16.49
N PHE D 56 -7.73 -28.25 16.80
CA PHE D 56 -7.40 -29.24 15.78
C PHE D 56 -8.61 -29.59 14.95
N TRP D 57 -9.80 -29.42 15.48
CA TRP D 57 -11.03 -29.70 14.77
C TRP D 57 -11.61 -28.49 14.06
N MET D 58 -11.00 -27.32 14.22
CA MET D 58 -11.38 -26.12 13.48
C MET D 58 -10.93 -26.26 12.03
N GLN D 59 -11.90 -26.29 11.11
CA GLN D 59 -11.54 -26.41 9.69
C GLN D 59 -11.23 -25.07 9.01
N ASP D 60 -11.80 -23.95 9.47
CA ASP D 60 -11.65 -22.65 8.81
C ASP D 60 -11.59 -21.56 9.87
N LEU D 61 -10.39 -21.05 10.13
CA LEU D 61 -10.27 -19.91 11.04
C LEU D 61 -10.69 -18.66 10.26
N ARG D 62 -11.87 -18.13 10.59
CA ARG D 62 -12.57 -17.19 9.70
C ARG D 62 -12.14 -15.72 9.88
N ASN D 63 -11.56 -15.36 11.03
CA ASN D 63 -11.61 -13.97 11.48
C ASN D 63 -10.35 -13.54 12.22
N TYR D 64 -9.19 -14.05 11.82
CA TYR D 64 -7.93 -13.84 12.52
C TYR D 64 -6.98 -13.08 11.61
N VAL D 65 -6.59 -11.88 12.04
CA VAL D 65 -5.72 -11.00 11.26
C VAL D 65 -4.52 -11.78 10.76
N GLY D 66 -4.26 -11.69 9.46
CA GLY D 66 -3.08 -12.26 8.86
C GLY D 66 -3.27 -13.60 8.18
N LEU D 67 -4.35 -14.33 8.49
CA LEU D 67 -4.53 -15.68 7.98
C LEU D 67 -5.73 -15.76 7.04
N ASP D 68 -5.56 -16.51 5.96
CA ASP D 68 -6.68 -16.76 5.06
C ASP D 68 -7.84 -17.38 5.84
N PRO D 69 -9.08 -17.03 5.50
CA PRO D 69 -10.23 -17.51 6.29
C PRO D 69 -10.56 -18.98 6.08
N ASP D 70 -9.83 -19.70 5.23
CA ASP D 70 -10.01 -21.14 5.11
C ASP D 70 -8.86 -21.91 5.75
N THR D 71 -8.09 -21.28 6.63
CA THR D 71 -6.94 -21.94 7.25
C THR D 71 -7.41 -22.90 8.35
N PRO D 72 -7.05 -24.18 8.29
CA PRO D 72 -7.44 -25.09 9.38
C PRO D 72 -6.54 -24.94 10.59
N GLY D 73 -7.12 -25.21 11.76
CA GLY D 73 -6.34 -25.14 13.00
C GLY D 73 -5.13 -26.06 12.98
N ARG D 74 -5.25 -27.23 12.35
CA ARG D 74 -4.13 -28.16 12.35
C ARG D 74 -2.91 -27.56 11.65
N ASP D 75 -3.12 -26.73 10.63
CA ASP D 75 -1.98 -26.10 9.95
C ASP D 75 -1.34 -25.05 10.85
N ILE D 76 -2.15 -24.33 11.61
CA ILE D 76 -1.64 -23.33 12.54
C ILE D 76 -0.83 -24.00 13.64
N ILE D 77 -1.34 -25.12 14.18
CA ILE D 77 -0.63 -25.87 15.22
C ILE D 77 0.73 -26.32 14.70
N THR D 78 0.75 -26.89 13.49
CA THR D 78 2.03 -27.30 12.89
C THR D 78 3.00 -26.13 12.75
N HIS D 79 2.50 -25.00 12.24
CA HIS D 79 3.35 -23.83 12.01
C HIS D 79 3.92 -23.32 13.32
N SER D 80 3.07 -23.14 14.32
CA SER D 80 3.49 -22.55 15.58
C SER D 80 4.30 -23.51 16.44
N THR D 81 4.06 -24.81 16.31
CA THR D 81 4.91 -25.78 17.00
C THR D 81 6.33 -25.70 16.46
N GLN D 82 6.48 -25.60 15.13
CA GLN D 82 7.79 -25.45 14.52
C GLN D 82 8.47 -24.14 14.95
N GLN D 83 7.72 -23.04 15.03
CA GLN D 83 8.29 -21.78 15.48
C GLN D 83 8.71 -21.87 16.95
N ALA D 84 7.86 -22.43 17.80
CA ALA D 84 8.21 -22.57 19.21
C ALA D 84 9.51 -23.35 19.37
N LEU D 85 9.63 -24.46 18.66
CA LEU D 85 10.85 -25.26 18.73
C LEU D 85 12.05 -24.49 18.19
N HIS D 86 11.83 -23.73 17.11
CA HIS D 86 12.92 -22.96 16.52
C HIS D 86 13.51 -21.98 17.51
N TRP D 87 12.68 -21.31 18.30
CA TRP D 87 13.17 -20.33 19.25
C TRP D 87 13.74 -20.97 20.51
N GLY D 88 13.44 -22.23 20.78
CA GLY D 88 14.06 -22.95 21.87
C GLY D 88 13.14 -23.62 22.87
N ALA D 89 11.85 -23.59 22.57
CA ALA D 89 10.89 -24.25 23.47
C ALA D 89 11.07 -25.79 23.32
N ASP D 90 10.89 -26.59 24.40
CA ASP D 90 11.00 -28.09 24.40
C ASP D 90 9.51 -28.58 24.35
N LEU D 91 9.15 -29.56 23.50
CA LEU D 91 7.76 -30.09 23.32
C LEU D 91 7.69 -31.53 23.82
N LEU D 92 6.74 -31.79 24.69
CA LEU D 92 6.52 -33.15 25.18
C LEU D 92 5.10 -33.56 24.83
N ARG D 93 4.98 -34.67 24.11
CA ARG D 93 3.67 -35.25 23.81
C ARG D 93 3.23 -36.07 25.01
N GLY D 94 2.18 -35.63 25.68
CA GLY D 94 1.76 -36.26 26.91
C GLY D 94 0.49 -35.63 27.43
N TYR D 95 -0.01 -36.20 28.51
CA TYR D 95 -1.30 -35.82 29.09
C TYR D 95 -1.05 -35.41 30.53
N VAL D 96 -1.25 -34.12 30.83
CA VAL D 96 -1.03 -33.62 32.17
CA VAL D 96 -1.01 -33.63 32.18
C VAL D 96 -2.11 -34.17 33.09
N GLU D 97 -1.69 -34.74 34.21
CA GLU D 97 -2.56 -35.37 35.18
C GLU D 97 -2.70 -34.56 36.46
N ASP D 98 -1.66 -33.87 36.88
CA ASP D 98 -1.74 -33.22 38.17
C ASP D 98 -0.72 -32.10 38.24
N VAL D 99 -1.09 -31.02 38.92
CA VAL D 99 -0.18 -29.95 39.26
C VAL D 99 -0.26 -29.77 40.77
N THR D 100 0.87 -29.80 41.44
CA THR D 100 0.90 -29.66 42.89
C THR D 100 1.79 -28.48 43.27
N ASP D 101 1.29 -27.69 44.22
CA ASP D 101 2.01 -26.55 44.75
C ASP D 101 2.96 -27.02 45.84
N GLU D 102 4.25 -26.85 45.62
CA GLU D 102 5.29 -27.21 46.57
C GLU D 102 6.07 -25.98 47.03
N GLY D 103 5.38 -24.84 47.12
CA GLY D 103 5.92 -23.59 47.63
C GLY D 103 6.38 -22.65 46.53
N ASP D 104 7.68 -22.43 46.40
CA ASP D 104 8.19 -21.59 45.32
C ASP D 104 8.36 -22.35 44.02
N THR D 105 8.00 -23.63 43.97
CA THR D 105 7.98 -24.37 42.73
C THR D 105 6.70 -25.18 42.66
N LEU D 106 6.36 -25.59 41.44
CA LEU D 106 5.23 -26.45 41.17
C LEU D 106 5.75 -27.74 40.57
N ALA D 107 5.05 -28.83 40.84
CA ALA D 107 5.37 -30.16 40.32
C ALA D 107 4.27 -30.57 39.37
N VAL D 108 4.64 -30.98 38.16
CA VAL D 108 3.69 -31.26 37.09
C VAL D 108 3.86 -32.71 36.70
N LYS D 109 2.83 -33.53 36.96
CA LYS D 109 2.86 -34.95 36.62
C LYS D 109 2.19 -35.14 35.26
N VAL D 110 2.89 -35.83 34.37
CA VAL D 110 2.48 -36.00 32.98
C VAL D 110 2.40 -37.49 32.67
N LYS D 111 1.30 -37.91 32.09
CA LYS D 111 1.18 -39.26 31.57
C LYS D 111 1.79 -39.28 30.17
N VAL D 112 2.86 -40.05 29.99
CA VAL D 112 3.56 -40.12 28.71
C VAL D 112 3.34 -41.52 28.15
N GLY D 113 2.69 -41.57 26.99
CA GLY D 113 2.27 -42.80 26.36
C GLY D 113 0.83 -43.15 26.67
N LYS D 114 0.03 -43.36 25.63
CA LYS D 114 -1.35 -43.76 25.86
C LYS D 114 -1.41 -45.17 26.45
N LYS D 115 -0.47 -46.02 26.08
CA LYS D 115 -0.28 -47.34 26.67
C LYS D 115 1.15 -47.42 27.20
N ASP D 116 1.38 -48.40 28.05
CA ASP D 116 2.67 -48.59 28.70
C ASP D 116 3.20 -47.26 29.25
N SER D 117 2.33 -46.59 30.02
CA SER D 117 2.55 -45.19 30.35
C SER D 117 3.63 -45.02 31.40
N LEU D 118 4.40 -43.96 31.25
CA LEU D 118 5.27 -43.44 32.29
C LEU D 118 4.65 -42.17 32.85
N TYR D 119 5.01 -41.82 34.09
CA TYR D 119 4.43 -40.65 34.77
C TYR D 119 5.52 -39.76 35.34
N PRO D 120 6.35 -39.16 34.48
CA PRO D 120 7.37 -38.24 34.97
C PRO D 120 6.75 -37.04 35.67
N ILE D 121 7.45 -36.53 36.68
CA ILE D 121 7.01 -35.33 37.38
C ILE D 121 8.06 -34.25 37.15
N PHE D 122 7.64 -33.13 36.55
CA PHE D 122 8.53 -32.05 36.17
C PHE D 122 8.39 -30.89 37.14
N ARG D 123 9.48 -30.16 37.33
CA ARG D 123 9.53 -29.07 38.28
C ARG D 123 9.62 -27.73 37.56
N THR D 124 8.92 -26.72 38.06
CA THR D 124 8.90 -25.43 37.39
C THR D 124 8.55 -24.30 38.36
N LYS D 125 9.01 -23.09 37.99
CA LYS D 125 8.68 -21.88 38.74
C LYS D 125 7.27 -21.42 38.46
N TYR D 126 6.78 -21.63 37.24
CA TYR D 126 5.48 -21.14 36.80
C TYR D 126 4.78 -22.17 35.93
N VAL D 127 3.45 -22.17 35.99
CA VAL D 127 2.60 -23.00 35.15
C VAL D 127 1.67 -22.10 34.36
N ILE D 128 1.54 -22.39 33.07
CA ILE D 128 0.57 -21.72 32.22
C ILE D 128 -0.45 -22.78 31.82
N ALA D 129 -1.68 -22.64 32.35
CA ALA D 129 -2.77 -23.56 32.08
C ALA D 129 -3.47 -23.14 30.79
N ALA D 130 -3.27 -23.92 29.74
CA ALA D 130 -3.72 -23.58 28.40
C ALA D 130 -4.34 -24.82 27.72
N THR D 131 -5.09 -25.61 28.49
CA THR D 131 -5.63 -26.87 28.01
C THR D 131 -7.04 -26.74 27.45
N GLY D 132 -7.65 -25.58 27.59
CA GLY D 132 -8.90 -25.27 26.94
C GLY D 132 -10.04 -26.21 27.28
N ILE D 133 -10.92 -26.39 26.28
CA ILE D 133 -12.18 -27.08 26.43
C ILE D 133 -12.41 -27.90 25.16
N ILE D 134 -13.49 -28.70 25.16
CA ILE D 134 -13.95 -29.35 23.93
C ILE D 134 -15.47 -29.39 23.95
N ASP D 135 -16.07 -29.01 22.81
CA ASP D 135 -17.53 -28.97 22.70
C ASP D 135 -18.14 -30.37 22.71
N ASN D 136 -19.28 -30.53 23.39
CA ASN D 136 -20.07 -31.74 23.25
C ASN D 136 -20.74 -31.77 21.89
N LEU D 137 -20.77 -32.93 21.29
CA LEU D 137 -21.44 -33.14 20.01
C LEU D 137 -22.65 -34.06 20.19
N PRO D 138 -23.65 -33.95 19.32
CA PRO D 138 -24.76 -34.90 19.39
C PRO D 138 -24.25 -36.32 19.16
N GLN D 139 -24.64 -37.21 20.04
CA GLN D 139 -24.13 -38.57 19.98
C GLN D 139 -25.07 -39.39 19.10
N LEU D 140 -24.54 -39.84 17.97
CA LEU D 140 -25.22 -40.74 17.03
C LEU D 140 -24.45 -42.05 16.92
N GLU D 141 -25.16 -43.10 16.51
CA GLU D 141 -24.51 -44.38 16.23
C GLU D 141 -23.40 -44.21 15.20
N ASP D 142 -23.66 -43.44 14.14
CA ASP D 142 -22.63 -43.20 13.14
C ASP D 142 -22.03 -41.83 13.45
N MET D 143 -21.02 -41.84 14.32
CA MET D 143 -20.40 -40.60 14.71
C MET D 143 -19.64 -39.98 13.57
N GLN D 144 -19.18 -40.79 12.61
CA GLN D 144 -18.50 -40.22 11.46
C GLN D 144 -19.44 -39.31 10.67
N ASN D 145 -20.73 -39.62 10.67
CA ASN D 145 -21.71 -38.76 10.02
C ASN D 145 -21.75 -37.38 10.67
N VAL D 146 -21.55 -37.32 11.99
CA VAL D 146 -21.50 -36.03 12.67
C VAL D 146 -20.20 -35.33 12.34
N TYR D 147 -19.08 -36.05 12.39
CA TYR D 147 -17.77 -35.46 12.14
C TYR D 147 -17.64 -34.90 10.73
N ASP D 148 -18.38 -35.48 9.76
CA ASP D 148 -18.32 -35.02 8.39
C ASP D 148 -18.86 -33.60 8.22
N TYR D 149 -19.69 -33.12 9.14
CA TYR D 149 -20.26 -31.78 9.07
C TYR D 149 -19.84 -30.90 10.22
N ALA D 150 -19.49 -31.48 11.36
CA ALA D 150 -19.11 -30.69 12.53
C ALA D 150 -17.80 -29.94 12.25
N GLY D 151 -17.86 -28.61 12.33
CA GLY D 151 -16.74 -27.77 12.01
C GLY D 151 -16.65 -27.37 10.56
N TYR D 152 -17.51 -27.92 9.71
CA TYR D 152 -17.55 -27.52 8.31
C TYR D 152 -18.74 -26.60 8.11
N THR D 153 -19.93 -27.18 7.99
CA THR D 153 -21.16 -26.40 7.93
C THR D 153 -22.06 -26.57 9.16
N LEU D 154 -21.74 -27.49 10.05
CA LEU D 154 -22.41 -27.63 11.33
C LEU D 154 -21.46 -27.05 12.38
N HIS D 155 -21.77 -25.86 12.87
CA HIS D 155 -20.83 -25.08 13.65
C HIS D 155 -21.03 -25.30 15.14
N VAL D 156 -19.98 -24.99 15.91
CA VAL D 156 -20.06 -25.05 17.35
C VAL D 156 -19.92 -23.69 18.02
N CYS D 157 -19.61 -22.63 17.26
CA CYS D 157 -19.26 -21.31 17.79
C CYS D 157 -20.00 -20.25 16.99
N MET D 158 -20.99 -19.59 17.60
CA MET D 158 -21.79 -18.64 16.85
C MET D 158 -21.00 -17.40 16.42
N ILE D 159 -20.13 -16.88 17.27
CA ILE D 159 -19.41 -15.68 16.82
C ILE D 159 -18.41 -16.06 15.73
N CYS D 160 -17.87 -17.28 15.77
CA CYS D 160 -16.94 -17.71 14.73
C CYS D 160 -17.60 -17.74 13.36
N ASP D 161 -18.77 -18.36 13.29
CA ASP D 161 -19.35 -18.78 12.02
C ASP D 161 -20.70 -18.18 11.72
N GLY D 162 -21.27 -17.37 12.61
CA GLY D 162 -22.62 -16.83 12.39
C GLY D 162 -22.77 -16.15 11.04
N PHE D 163 -21.78 -15.34 10.65
CA PHE D 163 -21.84 -14.65 9.35
C PHE D 163 -22.07 -15.63 8.21
N ASP D 164 -21.43 -16.79 8.28
CA ASP D 164 -21.51 -17.81 7.24
C ASP D 164 -22.82 -18.58 7.28
N MET D 165 -23.68 -18.29 8.24
CA MET D 165 -25.03 -18.83 8.31
C MET D 165 -26.09 -17.84 7.85
N TRP D 166 -25.70 -16.65 7.40
CA TRP D 166 -26.65 -15.54 7.24
C TRP D 166 -27.84 -15.95 6.37
N ASP D 167 -29.03 -15.83 6.96
CA ASP D 167 -30.32 -16.05 6.27
C ASP D 167 -30.42 -17.44 5.65
N GLN D 168 -29.71 -18.43 6.19
CA GLN D 168 -29.86 -19.81 5.74
C GLN D 168 -30.85 -20.58 6.62
N LYS D 169 -31.43 -21.63 6.05
CA LYS D 169 -32.17 -22.60 6.85
C LYS D 169 -31.18 -23.31 7.78
N ALA D 170 -31.43 -23.21 9.08
CA ALA D 170 -30.47 -23.62 10.10
C ALA D 170 -31.12 -24.51 11.15
N VAL D 171 -30.34 -25.40 11.74
CA VAL D 171 -30.78 -26.16 12.90
C VAL D 171 -29.98 -25.72 14.12
N LEU D 172 -30.66 -25.57 15.24
CA LEU D 172 -30.02 -25.41 16.54
C LEU D 172 -30.18 -26.71 17.32
N ILE D 173 -29.06 -27.33 17.64
CA ILE D 173 -29.06 -28.59 18.37
C ILE D 173 -28.73 -28.25 19.82
N ALA D 174 -29.71 -28.41 20.70
CA ALA D 174 -29.62 -27.96 22.08
C ALA D 174 -30.24 -29.02 22.99
N GLY D 175 -29.56 -29.32 24.10
CA GLY D 175 -29.98 -30.41 24.96
C GLY D 175 -30.70 -29.98 26.22
N THR D 176 -30.76 -28.68 26.51
CA THR D 176 -31.45 -28.16 27.67
C THR D 176 -32.19 -26.89 27.27
N GLU D 177 -33.13 -26.48 28.11
CA GLU D 177 -33.84 -25.24 27.84
C GLU D 177 -32.91 -24.04 27.93
N GLY D 178 -31.94 -24.07 28.86
CA GLY D 178 -30.91 -23.06 28.87
C GLY D 178 -30.13 -22.99 27.58
N GLN D 179 -29.92 -24.14 26.93
CA GLN D 179 -29.21 -24.15 25.65
C GLN D 179 -30.12 -23.73 24.51
N ILE D 180 -31.43 -23.95 24.63
CA ILE D 180 -32.34 -23.49 23.58
C ILE D 180 -32.39 -21.96 23.54
N ASN D 181 -32.09 -21.29 24.67
CA ASN D 181 -32.07 -19.83 24.68
C ASN D 181 -31.21 -19.26 23.56
N ALA D 182 -30.22 -20.02 23.08
CA ALA D 182 -29.36 -19.53 22.01
C ALA D 182 -30.12 -19.26 20.73
N ALA D 183 -31.30 -19.85 20.54
CA ALA D 183 -32.11 -19.54 19.36
C ALA D 183 -32.40 -18.05 19.27
N PHE D 184 -32.47 -17.37 20.42
CA PHE D 184 -32.84 -15.96 20.46
C PHE D 184 -31.61 -15.06 20.40
N VAL D 185 -30.45 -15.65 20.15
CA VAL D 185 -29.26 -14.95 19.74
C VAL D 185 -28.90 -15.30 18.30
N LEU D 186 -28.98 -16.58 17.94
CA LEU D 186 -28.70 -17.02 16.57
C LEU D 186 -29.59 -16.30 15.57
N ASN D 187 -30.81 -15.93 15.98
CA ASN D 187 -31.75 -15.33 15.04
C ASN D 187 -31.25 -13.99 14.50
N TRP D 188 -30.29 -13.35 15.16
CA TRP D 188 -29.63 -12.20 14.58
C TRP D 188 -29.10 -12.53 13.19
N PHE D 189 -28.47 -13.70 13.05
CA PHE D 189 -27.86 -14.08 11.79
C PHE D 189 -28.86 -14.71 10.85
N THR D 190 -29.79 -15.52 11.37
CA THR D 190 -30.79 -16.11 10.51
C THR D 190 -32.06 -16.33 11.31
N PRO D 191 -33.22 -15.91 10.82
CA PRO D 191 -34.47 -16.24 11.50
C PRO D 191 -34.96 -17.65 11.22
N TYR D 192 -34.35 -18.36 10.28
CA TYR D 192 -34.91 -19.61 9.76
C TYR D 192 -34.39 -20.81 10.56
N ILE D 193 -34.72 -20.77 11.86
CA ILE D 193 -34.15 -21.68 12.84
C ILE D 193 -35.16 -22.79 13.13
N THR D 194 -34.69 -24.03 13.09
CA THR D 194 -35.40 -25.18 13.63
C THR D 194 -34.62 -25.71 14.83
N VAL D 195 -35.29 -25.89 15.95
CA VAL D 195 -34.66 -26.37 17.17
C VAL D 195 -34.78 -27.90 17.27
N LEU D 196 -33.65 -28.57 17.48
CA LEU D 196 -33.60 -30.02 17.64
C LEU D 196 -33.01 -30.34 19.01
N THR D 197 -33.77 -31.03 19.84
CA THR D 197 -33.28 -31.39 21.16
C THR D 197 -32.61 -32.75 21.21
N HIS D 198 -32.65 -33.50 20.11
CA HIS D 198 -31.93 -34.77 19.98
C HIS D 198 -32.39 -35.79 21.03
N GLY D 199 -33.65 -35.70 21.44
CA GLY D 199 -34.20 -36.62 22.42
C GLY D 199 -33.64 -36.49 23.82
N LEU D 200 -32.96 -35.38 24.13
CA LEU D 200 -32.25 -35.29 25.39
C LEU D 200 -33.07 -34.66 26.50
N CYS D 201 -33.96 -33.74 26.18
CA CYS D 201 -34.75 -33.09 27.21
C CYS D 201 -36.10 -32.75 26.62
N THR D 202 -37.10 -32.76 27.48
CA THR D 202 -38.45 -32.37 27.12
C THR D 202 -38.58 -30.87 27.28
N VAL D 203 -39.06 -30.21 26.25
CA VAL D 203 -39.20 -28.76 26.30
C VAL D 203 -40.50 -28.45 27.03
N GLY D 204 -40.43 -27.53 27.98
CA GLY D 204 -41.60 -27.14 28.73
C GLY D 204 -42.55 -26.33 27.88
N ASP D 205 -43.76 -26.15 28.41
CA ASP D 205 -44.80 -25.46 27.67
C ASP D 205 -44.42 -24.02 27.37
N GLU D 206 -43.75 -23.34 28.32
CA GLU D 206 -43.43 -21.93 28.13
C GLU D 206 -42.44 -21.74 26.99
N MET D 207 -41.38 -22.54 26.95
CA MET D 207 -40.42 -22.43 25.86
C MET D 207 -41.05 -22.84 24.53
N LYS D 208 -41.88 -23.90 24.53
CA LYS D 208 -42.55 -24.31 23.30
C LYS D 208 -43.38 -23.16 22.73
N ALA D 209 -44.08 -22.43 23.60
CA ALA D 209 -44.89 -21.32 23.15
C ALA D 209 -44.03 -20.17 22.62
N LYS D 210 -42.87 -19.93 23.26
CA LYS D 210 -42.01 -18.85 22.78
C LYS D 210 -41.40 -19.20 21.42
N LEU D 211 -40.94 -20.44 21.25
CA LEU D 211 -40.45 -20.85 19.94
C LEU D 211 -41.54 -20.72 18.89
N ALA D 212 -42.76 -21.14 19.23
CA ALA D 212 -43.87 -21.04 18.28
C ALA D 212 -44.17 -19.58 17.92
N ASP D 213 -44.12 -18.69 18.91
CA ASP D 213 -44.36 -17.27 18.62
C ASP D 213 -43.29 -16.67 17.71
N HIS D 214 -42.07 -17.19 17.76
CA HIS D 214 -41.01 -16.73 16.86
C HIS D 214 -41.00 -17.44 15.52
N GLY D 215 -41.79 -18.49 15.37
CA GLY D 215 -41.83 -19.27 14.15
C GLY D 215 -40.73 -20.29 13.99
N TYR D 216 -40.04 -20.66 15.07
CA TYR D 216 -38.95 -21.62 14.99
C TYR D 216 -39.51 -23.01 15.25
N PRO D 217 -39.57 -23.90 14.27
CA PRO D 217 -40.12 -25.23 14.54
C PRO D 217 -39.27 -25.98 15.55
N LEU D 218 -39.92 -26.86 16.30
CA LEU D 218 -39.28 -27.68 17.33
C LEU D 218 -39.53 -29.15 17.06
N HIS D 219 -38.47 -29.94 17.07
CA HIS D 219 -38.55 -31.38 16.96
C HIS D 219 -37.73 -32.01 18.06
N GLU D 220 -38.34 -32.88 18.84
CA GLU D 220 -37.67 -33.45 20.00
C GLU D 220 -37.17 -34.88 19.80
N ALA D 221 -37.43 -35.48 18.65
CA ALA D 221 -36.97 -36.86 18.41
C ALA D 221 -35.48 -36.90 18.13
N ALA D 222 -34.85 -38.01 18.49
CA ALA D 222 -33.42 -38.16 18.30
C ALA D 222 -33.04 -38.02 16.83
N ILE D 223 -31.91 -37.34 16.58
CA ILE D 223 -31.33 -37.23 15.24
C ILE D 223 -30.73 -38.58 14.86
N THR D 224 -31.02 -39.03 13.64
CA THR D 224 -30.41 -40.25 13.12
C THR D 224 -29.44 -40.03 11.97
N LYS D 225 -29.54 -38.93 11.23
CA LYS D 225 -28.63 -38.75 10.09
C LYS D 225 -28.58 -37.29 9.68
N PHE D 226 -27.38 -36.82 9.40
CA PHE D 226 -27.16 -35.54 8.72
C PHE D 226 -26.98 -35.84 7.24
N LEU D 227 -27.74 -35.14 6.41
CA LEU D 227 -27.68 -35.32 4.97
C LEU D 227 -26.81 -34.23 4.36
N GLY D 228 -26.15 -34.56 3.26
CA GLY D 228 -25.34 -33.58 2.57
C GLY D 228 -24.26 -34.26 1.74
N GLU D 229 -23.33 -33.44 1.28
CA GLU D 229 -22.23 -33.92 0.47
C GLU D 229 -21.06 -32.95 0.57
N ASP D 230 -19.85 -33.50 0.52
CA ASP D 230 -18.62 -32.70 0.58
C ASP D 230 -18.63 -31.73 1.76
N HIS D 231 -19.08 -32.22 2.91
CA HIS D 231 -19.12 -31.51 4.17
C HIS D 231 -20.13 -30.36 4.19
N LYS D 232 -21.00 -30.28 3.19
CA LYS D 232 -22.02 -29.24 3.10
C LYS D 232 -23.37 -29.86 3.43
N MET D 233 -23.92 -29.51 4.60
CA MET D 233 -25.23 -30.01 5.00
C MET D 233 -26.29 -29.67 3.97
N SER D 234 -27.24 -30.59 3.82
CA SER D 234 -28.46 -30.33 3.09
C SER D 234 -29.72 -30.60 3.91
N GLY D 235 -29.62 -31.34 5.01
CA GLY D 235 -30.80 -31.63 5.81
C GLY D 235 -30.48 -32.57 6.95
N VAL D 236 -31.52 -32.91 7.69
CA VAL D 236 -31.39 -33.74 8.89
C VAL D 236 -32.57 -34.71 8.93
N GLU D 237 -32.31 -35.95 9.36
CA GLU D 237 -33.33 -36.97 9.58
C GLU D 237 -33.40 -37.34 11.05
N LEU D 238 -34.61 -37.52 11.55
CA LEU D 238 -34.84 -37.91 12.94
C LEU D 238 -35.42 -39.33 12.99
N VAL D 239 -35.29 -39.95 14.17
CA VAL D 239 -35.68 -41.35 14.32
C VAL D 239 -37.17 -41.56 14.13
N ASP D 240 -38.00 -40.53 14.35
CA ASP D 240 -39.42 -40.66 14.14
C ASP D 240 -39.83 -40.44 12.69
N GLY D 241 -38.87 -40.32 11.77
CA GLY D 241 -39.16 -40.15 10.36
C GLY D 241 -39.18 -38.72 9.87
N THR D 242 -39.13 -37.74 10.78
CA THR D 242 -39.06 -36.35 10.35
C THR D 242 -37.82 -36.13 9.49
N VAL D 243 -38.02 -35.47 8.35
CA VAL D 243 -36.93 -34.99 7.51
C VAL D 243 -37.09 -33.49 7.33
N MET D 244 -35.97 -32.76 7.34
CA MET D 244 -36.02 -31.33 7.17
C MET D 244 -34.84 -30.85 6.33
N GLU D 245 -35.01 -29.69 5.70
CA GLU D 245 -33.94 -29.07 4.94
C GLU D 245 -33.19 -28.09 5.83
N ALA D 246 -31.87 -28.13 5.77
CA ALA D 246 -31.02 -27.19 6.48
C ALA D 246 -29.64 -27.24 5.84
N THR D 247 -29.06 -26.09 5.59
CA THR D 247 -27.73 -25.99 4.99
C THR D 247 -26.67 -25.62 6.02
N THR D 248 -27.07 -25.42 7.27
CA THR D 248 -26.13 -25.09 8.32
C THR D 248 -26.81 -25.37 9.66
N GLY D 249 -26.03 -25.25 10.73
CA GLY D 249 -26.57 -25.42 12.06
C GLY D 249 -25.56 -24.96 13.08
N LEU D 250 -26.03 -24.85 14.32
CA LEU D 250 -25.21 -24.53 15.48
C LEU D 250 -25.46 -25.59 16.54
N ILE D 251 -24.39 -26.20 17.02
CA ILE D 251 -24.48 -27.13 18.16
C ILE D 251 -24.28 -26.31 19.42
N ASN D 252 -25.25 -26.35 20.33
CA ASN D 252 -25.15 -25.70 21.63
C ASN D 252 -25.46 -26.71 22.73
N MET D 253 -24.52 -27.64 22.96
CA MET D 253 -24.73 -28.75 23.88
C MET D 253 -23.75 -28.74 25.06
N GLY D 254 -23.10 -27.64 25.31
CA GLY D 254 -22.14 -27.57 26.40
C GLY D 254 -20.76 -28.03 26.00
N SER D 255 -19.89 -28.00 26.99
CA SER D 255 -18.47 -28.29 26.79
C SER D 255 -17.93 -29.11 27.95
N VAL D 256 -16.83 -29.80 27.69
CA VAL D 256 -16.01 -30.42 28.73
C VAL D 256 -14.79 -29.52 28.93
N TYR D 257 -14.49 -29.18 30.18
CA TYR D 257 -13.38 -28.29 30.50
C TYR D 257 -12.17 -29.10 30.90
N HIS D 258 -11.03 -28.83 30.28
CA HIS D 258 -9.80 -29.57 30.57
C HIS D 258 -9.09 -28.90 31.73
N ASN D 259 -9.62 -29.14 32.94
CA ASN D 259 -9.16 -28.44 34.13
C ASN D 259 -8.93 -29.36 35.32
N HIS D 260 -8.99 -30.69 35.13
CA HIS D 260 -9.01 -31.62 36.26
C HIS D 260 -7.73 -31.53 37.08
N TYR D 261 -6.61 -31.27 36.43
CA TYR D 261 -5.30 -31.28 37.08
C TYR D 261 -5.06 -30.09 38.00
N LEU D 262 -5.96 -29.10 38.04
CA LEU D 262 -5.82 -27.92 38.90
C LEU D 262 -6.79 -27.92 40.07
N LYS D 263 -7.68 -28.90 40.15
CA LYS D 263 -8.75 -28.83 41.14
C LYS D 263 -8.25 -28.97 42.57
N GLY D 264 -7.05 -29.51 42.78
CA GLY D 264 -6.51 -29.64 44.12
C GLY D 264 -5.68 -28.48 44.61
N ILE D 265 -5.53 -27.41 43.83
CA ILE D 265 -4.65 -26.31 44.19
C ILE D 265 -5.40 -25.33 45.09
N GLU D 266 -4.87 -25.10 46.28
CA GLU D 266 -5.46 -24.12 47.18
C GLU D 266 -5.15 -22.70 46.71
N GLY D 267 -6.11 -21.80 46.86
CA GLY D 267 -5.91 -20.41 46.51
C GLY D 267 -6.22 -20.04 45.08
N LEU D 268 -6.89 -20.90 44.32
CA LEU D 268 -7.31 -20.60 42.96
C LEU D 268 -8.77 -20.18 42.94
N GLU D 269 -9.04 -19.03 42.33
CA GLU D 269 -10.40 -18.54 42.19
C GLU D 269 -10.99 -19.07 40.89
N TRP D 270 -12.15 -19.72 41.02
CA TRP D 270 -12.87 -20.31 39.90
C TRP D 270 -14.12 -19.49 39.67
N ASP D 271 -14.54 -19.41 38.40
CA ASP D 271 -15.88 -18.94 38.03
C ASP D 271 -16.52 -20.11 37.28
N GLY D 272 -17.26 -20.94 38.02
CA GLY D 272 -17.69 -22.21 37.47
C GLY D 272 -16.47 -23.07 37.17
N GLU D 273 -16.40 -23.54 35.93
CA GLU D 273 -15.27 -24.35 35.46
C GLU D 273 -14.14 -23.51 34.90
N ASN D 274 -14.31 -22.19 34.79
CA ASN D 274 -13.28 -21.28 34.29
C ASN D 274 -12.45 -20.72 35.43
N LEU D 275 -11.22 -20.32 35.10
CA LEU D 275 -10.34 -19.64 36.04
C LEU D 275 -10.44 -18.13 35.87
N VAL D 276 -10.53 -17.42 37.00
CA VAL D 276 -10.57 -15.96 37.00
C VAL D 276 -9.14 -15.45 36.90
N THR D 277 -8.89 -14.54 35.96
CA THR D 277 -7.55 -13.97 35.76
C THR D 277 -7.61 -12.44 35.79
N ASN D 278 -6.44 -11.82 35.97
CA ASN D 278 -6.31 -10.37 35.87
C ASN D 278 -5.95 -10.00 34.42
N ASP D 279 -5.44 -8.78 34.20
CA ASP D 279 -5.22 -8.30 32.85
C ASP D 279 -3.90 -8.77 32.26
N MET D 280 -3.13 -9.56 33.00
CA MET D 280 -1.97 -10.25 32.44
C MET D 280 -2.18 -11.77 32.42
N ALA D 281 -3.44 -12.22 32.50
CA ALA D 281 -3.81 -13.64 32.44
C ALA D 281 -3.33 -14.44 33.64
N GLN D 282 -3.06 -13.77 34.76
CA GLN D 282 -2.66 -14.43 35.99
C GLN D 282 -3.89 -14.81 36.82
N THR D 283 -3.89 -16.03 37.33
CA THR D 283 -4.93 -16.44 38.28
C THR D 283 -4.65 -15.79 39.64
N SER D 284 -5.51 -16.10 40.61
CA SER D 284 -5.28 -15.67 41.97
C SER D 284 -4.05 -16.32 42.59
N HIS D 285 -3.53 -17.37 41.98
CA HIS D 285 -2.29 -17.97 42.43
C HIS D 285 -1.12 -17.30 41.71
N PRO D 286 -0.13 -16.77 42.43
CA PRO D 286 0.92 -15.99 41.75
C PRO D 286 1.80 -16.80 40.81
N ARG D 287 1.79 -18.13 40.86
CA ARG D 287 2.61 -18.91 39.95
C ARG D 287 1.81 -19.60 38.85
N ILE D 288 0.50 -19.34 38.74
CA ILE D 288 -0.32 -20.01 37.73
C ILE D 288 -1.03 -18.98 36.87
N PHE D 289 -0.89 -19.12 35.56
CA PHE D 289 -1.61 -18.31 34.57
C PHE D 289 -2.58 -19.21 33.83
N ALA D 290 -3.63 -18.61 33.27
CA ALA D 290 -4.66 -19.34 32.54
C ALA D 290 -5.00 -18.59 31.27
N LEU D 291 -5.08 -19.32 30.16
CA LEU D 291 -5.24 -18.72 28.85
C LEU D 291 -6.51 -19.21 28.19
N GLY D 292 -6.99 -18.39 27.26
CA GLY D 292 -7.91 -18.85 26.24
C GLY D 292 -9.21 -19.38 26.78
N ASP D 293 -9.62 -20.52 26.22
CA ASP D 293 -10.94 -21.05 26.55
C ASP D 293 -11.06 -21.42 28.01
N LEU D 294 -9.94 -21.65 28.70
CA LEU D 294 -9.97 -22.03 30.10
C LEU D 294 -10.23 -20.86 31.03
N LYS D 295 -9.81 -19.66 30.65
CA LYS D 295 -10.00 -18.51 31.53
C LYS D 295 -11.39 -17.95 31.31
N LYS D 296 -11.85 -17.19 32.28
CA LYS D 296 -13.13 -16.51 32.15
C LYS D 296 -12.99 -15.45 31.07
N GLY D 297 -13.85 -15.51 30.06
CA GLY D 297 -13.78 -14.56 28.96
C GLY D 297 -14.25 -15.19 27.66
N LEU D 298 -13.94 -14.47 26.57
CA LEU D 298 -14.36 -14.84 25.23
C LEU D 298 -13.46 -15.94 24.67
N ASN D 299 -14.04 -16.88 23.94
CA ASN D 299 -13.33 -18.04 23.39
C ASN D 299 -13.11 -17.80 21.89
N GLN D 300 -11.93 -17.26 21.57
CA GLN D 300 -11.50 -17.01 20.19
C GLN D 300 -10.01 -17.26 20.14
N VAL D 301 -9.51 -17.52 18.93
CA VAL D 301 -8.06 -17.70 18.74
C VAL D 301 -7.30 -16.43 19.15
N SER D 302 -7.74 -15.27 18.64
CA SER D 302 -7.03 -14.01 18.94
C SER D 302 -6.89 -13.81 20.44
N VAL D 303 -7.97 -14.09 21.20
CA VAL D 303 -7.94 -13.90 22.64
C VAL D 303 -6.94 -14.87 23.28
N ALA D 304 -6.94 -16.14 22.85
CA ALA D 304 -6.01 -17.12 23.41
C ALA D 304 -4.58 -16.73 23.12
N VAL D 305 -4.32 -16.28 21.88
CA VAL D 305 -2.96 -15.91 21.49
C VAL D 305 -2.46 -14.73 22.32
N ALA D 306 -3.30 -13.71 22.51
CA ALA D 306 -2.92 -12.54 23.30
C ALA D 306 -2.69 -12.92 24.75
N ASP D 307 -3.54 -13.79 25.31
CA ASP D 307 -3.34 -14.26 26.68
C ASP D 307 -1.95 -14.86 26.86
N GLY D 308 -1.53 -15.67 25.90
CA GLY D 308 -0.21 -16.28 25.98
C GLY D 308 0.89 -15.25 25.98
N THR D 309 0.75 -14.22 25.12
CA THR D 309 1.68 -13.09 25.10
C THR D 309 1.77 -12.44 26.47
N LEU D 310 0.61 -12.15 27.08
CA LEU D 310 0.59 -11.46 28.36
C LEU D 310 1.19 -12.31 29.48
N ALA D 311 0.82 -13.59 29.56
CA ALA D 311 1.32 -14.45 30.62
C ALA D 311 2.82 -14.62 30.52
N ALA D 312 3.32 -14.87 29.31
CA ALA D 312 4.77 -15.03 29.15
C ALA D 312 5.51 -13.74 29.50
N THR D 313 4.94 -12.58 29.16
CA THR D 313 5.58 -11.31 29.48
C THR D 313 5.62 -11.07 30.98
N GLN D 314 4.53 -11.38 31.69
CA GLN D 314 4.56 -11.25 33.15
C GLN D 314 5.60 -12.16 33.79
N ILE D 315 5.71 -13.39 33.30
CA ILE D 315 6.68 -14.34 33.84
C ILE D 315 8.08 -13.83 33.61
N TRP D 316 8.35 -13.34 32.40
CA TRP D 316 9.66 -12.77 32.11
C TRP D 316 9.96 -11.58 33.02
N ARG D 317 8.98 -10.67 33.18
CA ARG D 317 9.16 -9.53 34.08
C ARG D 317 9.50 -10.01 35.49
N ASN D 318 8.77 -10.99 36.00
CA ASN D 318 9.05 -11.49 37.35
C ASN D 318 10.47 -12.03 37.44
N ILE D 319 10.86 -12.86 36.48
CA ILE D 319 12.17 -13.52 36.55
C ILE D 319 13.29 -12.51 36.35
N ARG D 320 13.15 -11.64 35.35
CA ARG D 320 14.13 -10.59 35.10
C ARG D 320 14.35 -9.74 36.34
N ARG D 321 13.26 -9.30 36.97
CA ARG D 321 13.39 -8.42 38.12
C ARG D 321 14.04 -9.10 39.30
N ALA D 322 14.00 -10.44 39.36
CA ALA D 322 14.63 -11.21 40.42
C ALA D 322 16.07 -11.63 40.09
N SER D 323 16.57 -11.33 38.90
CA SER D 323 17.87 -11.82 38.46
C SER D 323 18.95 -10.75 38.63
N GLU D 324 20.20 -11.19 38.66
CA GLU D 324 21.31 -10.25 38.78
C GLU D 324 21.62 -9.64 37.42
N PRO D 325 21.96 -8.35 37.36
CA PRO D 325 22.25 -7.72 36.06
C PRO D 325 23.40 -8.39 35.33
N ARG D 326 23.28 -8.45 34.01
CA ARG D 326 24.38 -8.89 33.15
C ARG D 326 25.24 -7.68 32.80
N LYS D 327 26.45 -7.65 33.35
CA LYS D 327 27.38 -6.54 33.17
C LYS D 327 28.38 -6.89 32.09
N TRP D 328 28.99 -5.85 31.54
CA TRP D 328 29.99 -5.99 30.49
C TRP D 328 31.36 -5.87 31.16
N ILE D 329 32.07 -6.98 31.19
CA ILE D 329 33.43 -7.01 31.71
C ILE D 329 34.37 -6.80 30.53
N HIS D 330 35.21 -5.78 30.62
CA HIS D 330 36.10 -5.46 29.50
C HIS D 330 37.51 -5.94 29.80
#